data_6D2V
#
_entry.id   6D2V
#
_cell.length_a   58.516
_cell.length_b   80.598
_cell.length_c   139.518
_cell.angle_alpha   90.000
_cell.angle_beta   90.000
_cell.angle_gamma   90.000
#
_symmetry.space_group_name_H-M   'P 21 21 21'
#
loop_
_entity.id
_entity.type
_entity.pdbx_description
1 polymer 'TerB Oxidoreductase'
2 non-polymer 'NADPH DIHYDRO-NICOTINAMIDE-ADENINE-DINUCLEOTIDE PHOSPHATE'
3 non-polymer 'THIOCYANATE ION'
4 non-polymer 'CHLORIDE ION'
5 water water
#
_entity_poly.entity_id   1
_entity_poly.type   'polypeptide(L)'
_entity_poly.pdbx_seq_one_letter_code
;GLVPRGSHMEGKKILVTGGTGQVARPVAEALAERNEVWCLGRFGTPGVEKELNDRGITTFHWDMDDPGAAAYEGLPDDFT
HVLHSAVRRGEDGDVNAAVEVNSVACGRLMTHCRGAEAFLFVSTGALYKRQTLDHAYTEDDPVDGVADWLPAYPVGKIAA
EGAVRAFAQVLNLPTTIARLNIAYGPGGYGGVPMLYFKRMLAGEPIPVPKEGQNWCSLLHTDDLVAHVPRLWEAAATPAT
LVNWGGDEAVGITDCVRYLEELTGVRARLVPSEVTRETYRFDPTRRREITGPCRVPWREGVRRTLQALHPEHLPS
;
_entity_poly.pdbx_strand_id   A,B
#
loop_
_chem_comp.id
_chem_comp.type
_chem_comp.name
_chem_comp.formula
CL non-polymer 'CHLORIDE ION' 'Cl -1'
NDP non-polymer 'NADPH DIHYDRO-NICOTINAMIDE-ADENINE-DINUCLEOTIDE PHOSPHATE' 'C21 H30 N7 O17 P3'
SCN non-polymer 'THIOCYANATE ION' 'C N S -1'
#
# COMPACT_ATOMS: atom_id res chain seq x y z
N GLY A 1 -35.17 -15.64 -17.71
CA GLY A 1 -35.11 -14.17 -17.47
C GLY A 1 -35.48 -13.82 -16.04
N LEU A 2 -36.55 -14.46 -15.56
CA LEU A 2 -36.94 -14.39 -14.16
C LEU A 2 -36.26 -15.55 -13.45
N VAL A 3 -35.19 -15.24 -12.73
CA VAL A 3 -34.43 -16.24 -12.00
C VAL A 3 -34.21 -15.74 -10.57
N PRO A 4 -34.56 -16.51 -9.54
CA PRO A 4 -34.34 -16.03 -8.17
C PRO A 4 -32.89 -15.71 -7.88
N ARG A 5 -32.70 -14.66 -7.06
CA ARG A 5 -31.38 -14.18 -6.69
C ARG A 5 -30.55 -15.26 -6.01
N GLY A 6 -31.19 -16.10 -5.20
CA GLY A 6 -30.45 -17.10 -4.44
C GLY A 6 -29.88 -18.23 -5.26
N SER A 7 -30.23 -18.34 -6.53
CA SER A 7 -29.83 -19.47 -7.36
C SER A 7 -28.45 -19.30 -7.99
N HIS A 8 -27.78 -18.16 -7.74
CA HIS A 8 -26.46 -17.91 -8.31
C HIS A 8 -25.41 -18.90 -7.81
N MET A 9 -25.68 -19.60 -6.72
CA MET A 9 -24.67 -20.40 -6.04
C MET A 9 -25.36 -21.14 -4.91
N GLU A 10 -25.05 -22.43 -4.77
CA GLU A 10 -25.76 -23.26 -3.80
C GLU A 10 -24.82 -24.29 -3.19
N GLY A 11 -25.13 -24.64 -1.95
CA GLY A 11 -24.45 -25.71 -1.24
C GLY A 11 -23.06 -25.38 -0.75
N LYS A 12 -22.71 -24.11 -0.66
CA LYS A 12 -21.37 -23.72 -0.21
C LYS A 12 -21.42 -23.19 1.22
N LYS A 13 -20.23 -22.92 1.75
CA LYS A 13 -20.09 -22.42 3.11
C LYS A 13 -19.27 -21.14 3.03
N ILE A 14 -19.91 -20.01 3.35
CA ILE A 14 -19.43 -18.69 2.94
C ILE A 14 -19.17 -17.84 4.18
N LEU A 15 -17.99 -17.23 4.23
CA LEU A 15 -17.64 -16.28 5.28
C LEU A 15 -17.67 -14.88 4.69
N VAL A 16 -18.38 -13.98 5.35
CA VAL A 16 -18.53 -12.59 4.91
C VAL A 16 -18.11 -11.70 6.07
N THR A 17 -17.18 -10.78 5.80
CA THR A 17 -16.94 -9.65 6.69
C THR A 17 -17.57 -8.42 6.06
N GLY A 18 -17.87 -7.43 6.90
CA GLY A 18 -18.59 -6.27 6.42
C GLY A 18 -20.04 -6.55 6.08
N GLY A 19 -20.61 -7.61 6.65
CA GLY A 19 -21.96 -8.05 6.35
C GLY A 19 -23.06 -7.10 6.80
N THR A 20 -22.75 -6.10 7.63
CA THR A 20 -23.72 -5.06 7.95
C THR A 20 -23.68 -3.90 6.98
N GLY A 21 -22.69 -3.84 6.09
CA GLY A 21 -22.42 -2.66 5.31
C GLY A 21 -23.16 -2.60 3.99
N GLN A 22 -22.98 -1.47 3.31
CA GLN A 22 -23.64 -1.20 2.03
C GLN A 22 -23.39 -2.30 1.00
N VAL A 23 -22.16 -2.77 0.92
CA VAL A 23 -21.77 -3.66 -0.17
C VAL A 23 -22.13 -5.10 0.13
N ALA A 24 -21.69 -5.60 1.29
CA ALA A 24 -21.75 -7.03 1.53
C ALA A 24 -23.05 -7.50 2.18
N ARG A 25 -23.86 -6.62 2.76
CA ARG A 25 -25.11 -7.10 3.34
C ARG A 25 -26.01 -7.74 2.31
N PRO A 26 -26.28 -7.11 1.16
CA PRO A 26 -27.13 -7.80 0.16
C PRO A 26 -26.50 -9.08 -0.36
N VAL A 27 -25.17 -9.16 -0.40
CA VAL A 27 -24.50 -10.38 -0.81
C VAL A 27 -24.77 -11.50 0.19
N ALA A 28 -24.55 -11.23 1.48
CA ALA A 28 -24.81 -12.22 2.50
C ALA A 28 -26.28 -12.63 2.49
N GLU A 29 -27.18 -11.66 2.39
CA GLU A 29 -28.60 -11.98 2.35
C GLU A 29 -28.94 -12.86 1.16
N ALA A 30 -28.39 -12.55 -0.01
CA ALA A 30 -28.72 -13.33 -1.20
C ALA A 30 -28.22 -14.76 -1.07
N LEU A 31 -26.99 -14.94 -0.59
CA LEU A 31 -26.40 -16.27 -0.50
C LEU A 31 -26.93 -17.09 0.66
N ALA A 32 -27.50 -16.44 1.68
CA ALA A 32 -27.96 -17.17 2.85
C ALA A 32 -29.08 -18.15 2.53
N GLU A 33 -29.80 -17.94 1.42
CA GLU A 33 -30.94 -18.81 1.11
C GLU A 33 -30.50 -20.24 0.82
N ARG A 34 -29.47 -20.41 -0.01
CA ARG A 34 -29.09 -21.73 -0.48
C ARG A 34 -27.69 -22.12 -0.05
N ASN A 35 -27.06 -21.33 0.82
CA ASN A 35 -25.71 -21.61 1.29
C ASN A 35 -25.67 -21.38 2.79
N GLU A 36 -24.65 -21.93 3.44
CA GLU A 36 -24.38 -21.61 4.84
C GLU A 36 -23.51 -20.35 4.89
N VAL A 37 -24.03 -19.29 5.49
CA VAL A 37 -23.36 -17.99 5.46
C VAL A 37 -23.08 -17.58 6.89
N TRP A 38 -21.82 -17.23 7.14
CA TRP A 38 -21.40 -16.63 8.40
C TRP A 38 -21.00 -15.18 8.14
N CYS A 39 -21.47 -14.27 8.98
CA CYS A 39 -21.06 -12.87 8.95
C CYS A 39 -20.23 -12.58 10.19
N LEU A 40 -19.01 -12.07 9.97
CA LEU A 40 -18.10 -11.67 11.03
C LEU A 40 -18.13 -10.15 11.17
N GLY A 41 -18.34 -9.67 12.39
CA GLY A 41 -18.36 -8.24 12.58
C GLY A 41 -18.63 -7.89 14.02
N ARG A 42 -18.89 -6.61 14.24
CA ARG A 42 -19.16 -6.08 15.57
C ARG A 42 -20.66 -5.87 15.82
N PHE A 43 -21.43 -5.57 14.77
CA PHE A 43 -22.90 -5.45 14.87
C PHE A 43 -23.30 -4.44 15.94
N GLY A 44 -22.67 -3.27 15.88
CA GLY A 44 -22.98 -2.21 16.84
C GLY A 44 -24.28 -1.48 16.57
N THR A 45 -24.80 -1.57 15.34
CA THR A 45 -26.08 -0.94 15.02
C THR A 45 -27.23 -1.80 15.58
N PRO A 46 -28.06 -1.28 16.47
CA PRO A 46 -29.11 -2.11 17.06
C PRO A 46 -30.00 -2.76 16.03
N GLY A 47 -30.23 -4.06 16.19
CA GLY A 47 -31.17 -4.79 15.39
C GLY A 47 -30.59 -5.44 14.15
N VAL A 48 -29.39 -5.03 13.71
CA VAL A 48 -28.87 -5.60 12.46
C VAL A 48 -28.52 -7.07 12.66
N GLU A 49 -27.95 -7.42 13.81
CA GLU A 49 -27.58 -8.82 14.02
C GLU A 49 -28.83 -9.71 14.00
N LYS A 50 -29.92 -9.23 14.61
CA LYS A 50 -31.16 -9.98 14.61
C LYS A 50 -31.69 -10.17 13.18
N GLU A 51 -31.64 -9.09 12.38
CA GLU A 51 -32.11 -9.19 11.00
C GLU A 51 -31.30 -10.20 10.21
N LEU A 52 -29.98 -10.24 10.39
CA LEU A 52 -29.18 -11.24 9.69
C LEU A 52 -29.51 -12.64 10.18
N ASN A 53 -29.61 -12.83 11.50
CA ASN A 53 -29.95 -14.14 12.04
C ASN A 53 -31.29 -14.62 11.52
N ASP A 54 -32.27 -13.71 11.40
CA ASP A 54 -33.58 -14.08 10.89
C ASP A 54 -33.52 -14.64 9.48
N ARG A 55 -32.49 -14.30 8.69
CA ARG A 55 -32.30 -14.87 7.36
C ARG A 55 -31.54 -16.17 7.37
N GLY A 56 -31.19 -16.70 8.53
CA GLY A 56 -30.40 -17.90 8.62
C GLY A 56 -28.91 -17.67 8.55
N ILE A 57 -28.46 -16.45 8.76
CA ILE A 57 -27.03 -16.12 8.78
C ILE A 57 -26.51 -16.31 10.20
N THR A 58 -25.44 -17.10 10.33
CA THR A 58 -24.74 -17.24 11.59
C THR A 58 -23.83 -16.03 11.78
N THR A 59 -23.95 -15.35 12.92
CA THR A 59 -23.15 -14.18 13.19
C THR A 59 -22.10 -14.53 14.23
N PHE A 60 -20.92 -13.92 14.09
CA PHE A 60 -19.76 -14.26 14.91
C PHE A 60 -19.02 -12.97 15.24
N HIS A 61 -18.86 -12.66 16.53
CA HIS A 61 -18.20 -11.42 16.91
C HIS A 61 -16.76 -11.41 16.43
N TRP A 62 -16.38 -10.33 15.77
CA TRP A 62 -15.07 -10.25 15.13
C TRP A 62 -14.75 -8.77 14.97
N ASP A 63 -13.70 -8.32 15.65
CA ASP A 63 -13.30 -6.91 15.65
C ASP A 63 -11.88 -6.84 15.12
N MET A 64 -11.69 -6.14 14.00
CA MET A 64 -10.36 -6.04 13.42
C MET A 64 -9.39 -5.28 14.31
N ASP A 65 -9.89 -4.47 15.24
CA ASP A 65 -9.04 -3.77 16.18
C ASP A 65 -8.39 -4.69 17.20
N ASP A 66 -8.85 -5.92 17.30
CA ASP A 66 -8.17 -6.91 18.13
C ASP A 66 -6.98 -7.45 17.35
N PRO A 67 -5.74 -7.20 17.80
CA PRO A 67 -4.57 -7.60 17.01
C PRO A 67 -4.26 -9.09 17.06
N GLY A 68 -4.80 -9.84 18.06
CA GLY A 68 -4.30 -11.16 18.36
C GLY A 68 -5.00 -12.29 17.63
N ALA A 69 -4.37 -13.47 17.66
CA ALA A 69 -4.90 -14.66 17.02
C ALA A 69 -6.08 -15.24 17.78
N ALA A 70 -6.22 -14.91 19.07
CA ALA A 70 -7.28 -15.49 19.89
C ALA A 70 -8.67 -15.15 19.35
N ALA A 71 -8.79 -14.04 18.62
CA ALA A 71 -10.07 -13.62 18.05
C ALA A 71 -10.69 -14.68 17.14
N TYR A 72 -9.90 -15.64 16.66
CA TYR A 72 -10.37 -16.62 15.71
C TYR A 72 -10.75 -17.95 16.35
N GLU A 73 -10.66 -18.05 17.67
CA GLU A 73 -11.08 -19.27 18.35
C GLU A 73 -12.59 -19.45 18.24
N GLY A 74 -13.00 -20.67 17.92
CA GLY A 74 -14.39 -20.97 17.69
C GLY A 74 -14.86 -20.76 16.26
N LEU A 75 -14.00 -20.26 15.39
CA LEU A 75 -14.41 -20.01 14.02
C LEU A 75 -14.04 -21.22 13.16
N PRO A 76 -14.99 -21.82 12.43
CA PRO A 76 -14.66 -22.97 11.58
C PRO A 76 -13.58 -22.63 10.57
N ASP A 77 -12.86 -23.67 10.12
CA ASP A 77 -11.82 -23.52 9.12
C ASP A 77 -12.19 -24.19 7.79
N ASP A 78 -13.46 -24.56 7.59
CA ASP A 78 -13.88 -25.25 6.38
C ASP A 78 -14.75 -24.38 5.48
N PHE A 79 -14.62 -23.06 5.57
CA PHE A 79 -15.30 -22.20 4.62
C PHE A 79 -14.76 -22.46 3.22
N THR A 80 -15.65 -22.47 2.22
CA THR A 80 -15.25 -22.65 0.85
C THR A 80 -15.02 -21.33 0.12
N HIS A 81 -15.71 -20.27 0.53
CA HIS A 81 -15.67 -18.99 -0.15
C HIS A 81 -15.67 -17.88 0.89
N VAL A 82 -14.89 -16.83 0.62
CA VAL A 82 -14.71 -15.75 1.58
C VAL A 82 -14.87 -14.42 0.85
N LEU A 83 -15.65 -13.52 1.45
CA LEU A 83 -15.82 -12.16 0.97
C LEU A 83 -15.35 -11.24 2.09
N HIS A 84 -14.20 -10.59 1.87
CA HIS A 84 -13.64 -9.68 2.87
C HIS A 84 -13.96 -8.26 2.43
N SER A 85 -15.01 -7.70 3.02
CA SER A 85 -15.52 -6.39 2.66
C SER A 85 -15.39 -5.38 3.78
N ALA A 86 -15.17 -5.83 5.01
CA ALA A 86 -15.01 -4.91 6.12
C ALA A 86 -13.77 -4.05 5.94
N VAL A 87 -13.86 -2.80 6.35
CA VAL A 87 -12.73 -1.90 6.32
C VAL A 87 -12.70 -1.16 7.64
N ARG A 88 -11.53 -1.19 8.29
CA ARG A 88 -11.25 -0.38 9.46
C ARG A 88 -10.80 0.97 8.99
N ARG A 89 -11.66 1.96 9.21
CA ARG A 89 -11.52 3.24 8.55
C ARG A 89 -12.32 4.20 9.44
N GLY A 90 -11.67 4.66 10.51
CA GLY A 90 -12.27 5.61 11.40
C GLY A 90 -11.45 6.88 11.42
N GLU A 91 -12.01 7.96 10.88
CA GLU A 91 -11.25 9.20 10.77
C GLU A 91 -10.60 9.59 12.07
N ASP A 92 -9.29 9.60 12.00
CA ASP A 92 -8.43 10.19 13.01
C ASP A 92 -7.16 10.69 12.37
N GLY A 93 -6.99 10.51 11.06
CA GLY A 93 -5.77 10.83 10.35
C GLY A 93 -4.65 9.87 10.64
N ASP A 94 -4.91 8.85 11.45
CA ASP A 94 -3.89 7.89 11.88
C ASP A 94 -3.68 6.89 10.76
N VAL A 95 -2.72 7.18 9.89
CA VAL A 95 -2.47 6.33 8.74
C VAL A 95 -1.87 5.01 9.20
N ASN A 96 -1.11 5.03 10.29
CA ASN A 96 -0.49 3.80 10.78
C ASN A 96 -1.54 2.81 11.29
N ALA A 97 -2.55 3.28 12.02
CA ALA A 97 -3.60 2.38 12.45
C ALA A 97 -4.35 1.80 11.26
N ALA A 98 -4.67 2.65 10.28
CA ALA A 98 -5.38 2.18 9.09
C ALA A 98 -4.56 1.13 8.37
N VAL A 99 -3.27 1.38 8.15
CA VAL A 99 -2.41 0.40 7.50
C VAL A 99 -2.34 -0.87 8.34
N GLU A 100 -2.04 -0.72 9.64
CA GLU A 100 -1.77 -1.89 10.49
C GLU A 100 -3.02 -2.74 10.67
N VAL A 101 -4.14 -2.14 11.05
CA VAL A 101 -5.31 -2.93 11.38
C VAL A 101 -5.82 -3.69 10.16
N ASN A 102 -5.95 -2.98 9.03
CA ASN A 102 -6.49 -3.62 7.83
C ASN A 102 -5.54 -4.65 7.25
N SER A 103 -4.24 -4.36 7.24
CA SER A 103 -3.28 -5.29 6.67
C SER A 103 -3.23 -6.58 7.49
N VAL A 104 -3.13 -6.46 8.81
CA VAL A 104 -3.05 -7.63 9.68
C VAL A 104 -4.33 -8.45 9.59
N ALA A 105 -5.48 -7.78 9.55
CA ALA A 105 -6.75 -8.51 9.46
C ALA A 105 -6.83 -9.34 8.19
N CYS A 106 -6.36 -8.77 7.06
CA CYS A 106 -6.27 -9.54 5.83
C CYS A 106 -5.43 -10.79 6.02
N GLY A 107 -4.25 -10.64 6.62
CA GLY A 107 -3.38 -11.78 6.82
C GLY A 107 -4.00 -12.83 7.72
N ARG A 108 -4.57 -12.41 8.85
CA ARG A 108 -5.12 -13.37 9.78
C ARG A 108 -6.34 -14.08 9.18
N LEU A 109 -7.14 -13.36 8.41
CA LEU A 109 -8.33 -13.97 7.83
C LEU A 109 -7.96 -14.94 6.72
N MET A 110 -7.05 -14.55 5.83
CA MET A 110 -6.62 -15.45 4.76
C MET A 110 -5.95 -16.69 5.31
N THR A 111 -5.10 -16.54 6.33
CA THR A 111 -4.45 -17.69 6.95
C THR A 111 -5.47 -18.62 7.58
N HIS A 112 -6.44 -18.06 8.31
CA HIS A 112 -7.49 -18.90 8.87
C HIS A 112 -8.23 -19.67 7.78
N CYS A 113 -8.54 -18.99 6.66
CA CYS A 113 -9.30 -19.59 5.57
C CYS A 113 -8.42 -20.09 4.44
N ARG A 114 -7.20 -20.52 4.77
CA ARG A 114 -6.23 -20.94 3.75
C ARG A 114 -6.74 -22.11 2.93
N GLY A 115 -7.70 -22.87 3.42
CA GLY A 115 -8.25 -23.99 2.69
C GLY A 115 -9.41 -23.65 1.77
N ALA A 116 -9.78 -22.38 1.67
CA ALA A 116 -10.94 -22.00 0.88
C ALA A 116 -10.68 -22.17 -0.61
N GLU A 117 -11.77 -22.31 -1.36
CA GLU A 117 -11.69 -22.34 -2.81
C GLU A 117 -11.35 -20.96 -3.37
N ALA A 118 -11.83 -19.90 -2.74
CA ALA A 118 -11.62 -18.57 -3.29
C ALA A 118 -11.80 -17.51 -2.20
N PHE A 119 -10.98 -16.48 -2.29
CA PHE A 119 -10.99 -15.34 -1.39
C PHE A 119 -11.18 -14.08 -2.22
N LEU A 120 -12.18 -13.27 -1.88
CA LEU A 120 -12.47 -12.04 -2.59
C LEU A 120 -12.25 -10.85 -1.66
N PHE A 121 -11.29 -10.00 -2.01
CA PHE A 121 -10.99 -8.80 -1.24
C PHE A 121 -11.53 -7.59 -1.98
N VAL A 122 -12.35 -6.78 -1.30
CA VAL A 122 -12.91 -5.57 -1.88
C VAL A 122 -11.95 -4.42 -1.61
N SER A 123 -11.51 -3.77 -2.68
CA SER A 123 -10.65 -2.60 -2.61
C SER A 123 -11.42 -1.39 -3.15
N THR A 124 -10.69 -0.37 -3.62
CA THR A 124 -11.33 0.87 -4.01
C THR A 124 -10.59 1.49 -5.19
N GLY A 125 -11.34 2.26 -5.99
CA GLY A 125 -10.75 3.03 -7.07
C GLY A 125 -10.07 4.30 -6.63
N ALA A 126 -10.26 4.70 -5.37
CA ALA A 126 -9.66 5.92 -4.87
C ALA A 126 -8.14 5.87 -4.87
N LEU A 127 -7.58 4.68 -5.10
N LEU A 127 -7.52 4.72 -5.08
CA LEU A 127 -6.14 4.45 -5.19
CA LEU A 127 -6.06 4.73 -5.08
C LEU A 127 -5.52 5.13 -6.40
C LEU A 127 -5.46 5.00 -6.45
N TYR A 128 -6.27 5.22 -7.50
CA TYR A 128 -5.70 5.61 -8.77
C TYR A 128 -5.22 7.05 -8.72
N LYS A 129 -4.07 7.28 -9.35
CA LYS A 129 -3.56 8.64 -9.51
C LYS A 129 -4.47 9.40 -10.46
N ARG A 130 -4.91 10.58 -10.03
CA ARG A 130 -5.89 11.33 -10.80
C ARG A 130 -5.32 11.69 -12.17
N GLN A 131 -6.05 11.30 -13.21
CA GLN A 131 -5.74 11.76 -14.56
C GLN A 131 -6.81 12.78 -14.95
N THR A 132 -7.34 12.71 -16.17
CA THR A 132 -8.40 13.63 -16.53
C THR A 132 -9.71 13.23 -15.82
N LEU A 133 -10.64 14.20 -15.72
CA LEU A 133 -11.93 13.95 -15.06
C LEU A 133 -12.63 12.74 -15.64
N ASP A 134 -12.61 12.62 -16.96
CA ASP A 134 -13.37 11.63 -17.71
C ASP A 134 -12.60 10.37 -18.03
N HIS A 135 -11.34 10.28 -17.60
CA HIS A 135 -10.53 9.13 -17.95
C HIS A 135 -11.21 7.85 -17.46
N ALA A 136 -11.14 6.82 -18.28
CA ALA A 136 -11.64 5.50 -17.88
C ALA A 136 -10.44 4.71 -17.35
N TYR A 137 -10.38 4.53 -16.04
CA TYR A 137 -9.21 3.92 -15.43
C TYR A 137 -9.19 2.41 -15.66
N THR A 138 -8.01 1.90 -16.00
CA THR A 138 -7.79 0.47 -16.18
C THR A 138 -7.00 -0.08 -15.00
N GLU A 139 -6.94 -1.41 -14.94
CA GLU A 139 -6.24 -2.08 -13.85
C GLU A 139 -4.75 -1.77 -13.82
N ASP A 140 -4.20 -1.24 -14.91
CA ASP A 140 -2.78 -0.96 -15.00
C ASP A 140 -2.45 0.52 -14.83
N ASP A 141 -3.44 1.36 -14.55
CA ASP A 141 -3.15 2.78 -14.45
C ASP A 141 -2.36 3.08 -13.16
N PRO A 142 -1.56 4.14 -13.16
CA PRO A 142 -0.74 4.44 -11.98
C PRO A 142 -1.58 4.66 -10.73
N VAL A 143 -0.97 4.31 -9.59
CA VAL A 143 -1.60 4.36 -8.28
C VAL A 143 -0.85 5.36 -7.41
N ASP A 144 -1.59 6.10 -6.58
CA ASP A 144 -1.01 6.91 -5.52
C ASP A 144 -1.95 6.86 -4.33
N GLY A 145 -1.50 7.37 -3.19
CA GLY A 145 -2.36 7.32 -2.02
C GLY A 145 -3.05 8.63 -1.73
N VAL A 146 -3.43 9.37 -2.77
CA VAL A 146 -3.99 10.70 -2.59
C VAL A 146 -5.50 10.63 -2.48
N ALA A 147 -6.03 11.14 -1.38
CA ALA A 147 -7.46 11.38 -1.23
C ALA A 147 -7.58 12.53 -0.25
N ASP A 148 -8.06 13.68 -0.73
CA ASP A 148 -8.18 14.84 0.14
C ASP A 148 -9.29 14.65 1.16
N TRP A 149 -10.35 13.94 0.81
CA TRP A 149 -11.47 13.76 1.74
C TRP A 149 -11.09 12.84 2.89
N LEU A 150 -10.41 11.73 2.59
CA LEU A 150 -10.06 10.71 3.59
C LEU A 150 -8.67 10.19 3.32
N PRO A 151 -7.62 10.90 3.74
CA PRO A 151 -6.26 10.55 3.29
C PRO A 151 -5.79 9.15 3.68
N ALA A 152 -6.10 8.67 4.89
CA ALA A 152 -5.60 7.36 5.30
C ALA A 152 -6.26 6.22 4.55
N TYR A 153 -7.39 6.48 3.89
CA TYR A 153 -8.19 5.38 3.34
C TYR A 153 -7.52 4.70 2.15
N PRO A 154 -7.18 5.42 1.06
CA PRO A 154 -6.49 4.73 -0.04
C PRO A 154 -5.15 4.15 0.35
N VAL A 155 -4.41 4.80 1.26
CA VAL A 155 -3.12 4.26 1.69
C VAL A 155 -3.31 2.93 2.38
N GLY A 156 -4.32 2.86 3.26
CA GLY A 156 -4.62 1.59 3.92
C GLY A 156 -4.98 0.49 2.95
N LYS A 157 -5.64 0.83 1.84
CA LYS A 157 -5.99 -0.17 0.83
C LYS A 157 -4.77 -0.61 0.03
N ILE A 158 -3.85 0.30 -0.29
CA ILE A 158 -2.60 -0.12 -0.94
C ILE A 158 -1.87 -1.13 -0.06
N ALA A 159 -1.77 -0.82 1.23
CA ALA A 159 -1.06 -1.71 2.15
C ALA A 159 -1.78 -3.06 2.26
N ALA A 160 -3.11 -3.03 2.36
CA ALA A 160 -3.87 -4.27 2.48
C ALA A 160 -3.77 -5.11 1.22
N GLU A 161 -3.82 -4.47 0.04
CA GLU A 161 -3.61 -5.18 -1.20
C GLU A 161 -2.25 -5.87 -1.22
N GLY A 162 -1.22 -5.19 -0.70
CA GLY A 162 0.10 -5.82 -0.61
C GLY A 162 0.07 -7.08 0.21
N ALA A 163 -0.58 -7.01 1.38
CA ALA A 163 -0.72 -8.19 2.23
C ALA A 163 -1.52 -9.27 1.52
N VAL A 164 -2.60 -8.90 0.84
CA VAL A 164 -3.45 -9.88 0.18
C VAL A 164 -2.69 -10.59 -0.92
N ARG A 165 -1.97 -9.83 -1.76
CA ARG A 165 -1.19 -10.47 -2.82
C ARG A 165 -0.19 -11.47 -2.25
N ALA A 166 0.50 -11.08 -1.18
CA ALA A 166 1.54 -11.92 -0.60
C ALA A 166 0.94 -13.18 0.03
N PHE A 167 -0.13 -13.04 0.81
CA PHE A 167 -0.71 -14.22 1.42
C PHE A 167 -1.34 -15.14 0.38
N ALA A 168 -1.90 -14.58 -0.69
CA ALA A 168 -2.44 -15.41 -1.77
C ALA A 168 -1.39 -16.39 -2.27
N GLN A 169 -0.16 -15.90 -2.48
CA GLN A 169 0.91 -16.74 -2.99
C GLN A 169 1.46 -17.68 -1.93
N VAL A 170 1.71 -17.16 -0.72
CA VAL A 170 2.31 -18.00 0.32
C VAL A 170 1.36 -19.13 0.70
N LEU A 171 0.07 -18.84 0.79
CA LEU A 171 -0.91 -19.83 1.19
C LEU A 171 -1.42 -20.67 0.02
N ASN A 172 -1.13 -20.30 -1.23
CA ASN A 172 -1.74 -20.92 -2.39
C ASN A 172 -3.27 -20.85 -2.28
N LEU A 173 -3.76 -19.66 -1.95
CA LEU A 173 -5.18 -19.40 -1.79
C LEU A 173 -5.66 -18.57 -2.97
N PRO A 174 -6.46 -19.12 -3.90
CA PRO A 174 -6.90 -18.32 -5.05
C PRO A 174 -7.65 -17.08 -4.57
N THR A 175 -7.28 -15.94 -5.14
CA THR A 175 -7.74 -14.65 -4.65
C THR A 175 -8.11 -13.75 -5.81
N THR A 176 -9.12 -12.92 -5.58
CA THR A 176 -9.47 -11.81 -6.47
C THR A 176 -9.45 -10.53 -5.65
N ILE A 177 -8.80 -9.51 -6.19
CA ILE A 177 -8.82 -8.17 -5.63
C ILE A 177 -9.72 -7.36 -6.55
N ALA A 178 -10.85 -6.89 -6.04
CA ALA A 178 -11.84 -6.16 -6.84
C ALA A 178 -11.90 -4.74 -6.32
N ARG A 179 -11.34 -3.81 -7.09
CA ARG A 179 -11.38 -2.40 -6.74
C ARG A 179 -12.75 -1.85 -7.09
N LEU A 180 -13.57 -1.59 -6.07
CA LEU A 180 -14.97 -1.26 -6.27
C LEU A 180 -15.14 0.21 -6.59
N ASN A 181 -16.06 0.51 -7.51
CA ASN A 181 -16.47 1.86 -7.83
C ASN A 181 -17.59 2.23 -6.87
N ILE A 182 -18.52 3.10 -7.28
CA ILE A 182 -19.58 3.56 -6.40
C ILE A 182 -20.72 2.55 -6.43
N ALA A 183 -21.00 1.92 -5.30
CA ALA A 183 -22.13 1.00 -5.17
C ALA A 183 -23.38 1.75 -4.71
N TYR A 184 -24.54 1.34 -5.23
CA TYR A 184 -25.79 1.96 -4.80
C TYR A 184 -26.93 0.95 -4.94
N GLY A 185 -28.01 1.20 -4.21
CA GLY A 185 -29.16 0.32 -4.27
C GLY A 185 -30.14 0.62 -3.16
N PRO A 186 -31.27 -0.09 -3.15
CA PRO A 186 -32.38 0.28 -2.26
C PRO A 186 -32.15 -0.06 -0.79
N GLY A 187 -31.12 -0.85 -0.46
CA GLY A 187 -30.83 -1.19 0.92
C GLY A 187 -29.95 -0.16 1.60
N GLY A 188 -29.82 -0.31 2.92
CA GLY A 188 -28.92 0.56 3.66
C GLY A 188 -29.33 2.01 3.53
N TYR A 189 -28.36 2.88 3.24
CA TYR A 189 -28.63 4.30 3.05
C TYR A 189 -28.64 4.68 1.57
N GLY A 190 -28.53 3.71 0.68
CA GLY A 190 -28.71 3.95 -0.73
C GLY A 190 -27.45 4.23 -1.52
N GLY A 191 -26.30 4.45 -0.86
CA GLY A 191 -25.08 4.77 -1.58
C GLY A 191 -24.94 6.26 -1.85
N VAL A 192 -23.86 6.58 -2.59
CA VAL A 192 -23.54 7.98 -2.84
C VAL A 192 -24.69 8.75 -3.48
N PRO A 193 -25.45 8.20 -4.43
CA PRO A 193 -26.57 8.97 -4.99
C PRO A 193 -27.55 9.49 -3.95
N MET A 194 -27.86 8.70 -2.93
CA MET A 194 -28.74 9.18 -1.88
C MET A 194 -28.05 10.13 -0.92
N LEU A 195 -26.72 10.03 -0.79
CA LEU A 195 -25.99 11.02 -0.02
C LEU A 195 -26.09 12.39 -0.67
N TYR A 196 -25.99 12.45 -2.00
CA TYR A 196 -26.22 13.70 -2.69
C TYR A 196 -27.65 14.19 -2.46
N PHE A 197 -28.62 13.28 -2.52
CA PHE A 197 -30.01 13.70 -2.34
C PHE A 197 -30.23 14.27 -0.95
N LYS A 198 -29.60 13.65 0.05
CA LYS A 198 -29.68 14.17 1.42
C LYS A 198 -29.16 15.59 1.50
N ARG A 199 -28.04 15.87 0.83
CA ARG A 199 -27.51 17.24 0.80
C ARG A 199 -28.46 18.18 0.09
N MET A 200 -29.10 17.71 -0.99
CA MET A 200 -30.09 18.54 -1.68
C MET A 200 -31.24 18.90 -0.76
N LEU A 201 -31.76 17.92 -0.02
CA LEU A 201 -32.83 18.17 0.94
C LEU A 201 -32.41 19.18 1.98
N ALA A 202 -31.16 19.10 2.44
CA ALA A 202 -30.65 19.98 3.48
C ALA A 202 -30.19 21.33 2.95
N GLY A 203 -30.22 21.54 1.64
CA GLY A 203 -29.80 22.80 1.06
C GLY A 203 -28.30 23.01 1.05
N GLU A 204 -27.53 21.96 1.16
CA GLU A 204 -26.08 22.07 1.23
C GLU A 204 -25.46 22.09 -0.17
N PRO A 205 -24.34 22.81 -0.35
CA PRO A 205 -23.73 22.89 -1.69
C PRO A 205 -23.24 21.55 -2.20
N ILE A 206 -23.30 21.38 -3.52
CA ILE A 206 -22.75 20.22 -4.20
C ILE A 206 -21.68 20.71 -5.17
N PRO A 207 -20.41 20.60 -4.80
CA PRO A 207 -19.34 21.08 -5.70
C PRO A 207 -19.33 20.32 -7.02
N VAL A 208 -19.19 21.07 -8.12
CA VAL A 208 -18.98 20.48 -9.44
C VAL A 208 -17.81 21.22 -10.09
N PRO A 209 -17.16 20.61 -11.09
CA PRO A 209 -16.01 21.26 -11.71
C PRO A 209 -16.41 22.46 -12.55
N LYS A 210 -15.39 23.25 -12.88
CA LYS A 210 -15.59 24.45 -13.69
C LYS A 210 -15.97 24.08 -15.13
N GLU A 211 -15.34 23.06 -15.68
CA GLU A 211 -15.64 22.56 -17.02
C GLU A 211 -16.08 21.11 -16.90
N GLY A 212 -17.13 20.75 -17.63
CA GLY A 212 -17.56 19.36 -17.59
C GLY A 212 -18.15 18.96 -16.25
N GLN A 213 -18.08 17.66 -15.97
CA GLN A 213 -18.57 17.10 -14.70
C GLN A 213 -17.67 15.94 -14.29
N ASN A 214 -17.80 15.55 -13.02
CA ASN A 214 -17.15 14.33 -12.56
C ASN A 214 -17.89 13.11 -13.05
N TRP A 215 -17.17 11.98 -13.11
CA TRP A 215 -17.68 10.75 -13.69
C TRP A 215 -17.40 9.56 -12.78
N CYS A 216 -18.31 8.59 -12.83
CA CYS A 216 -18.16 7.35 -12.08
C CYS A 216 -18.72 6.20 -12.88
N SER A 217 -18.62 4.99 -12.32
CA SER A 217 -19.16 3.78 -12.94
C SER A 217 -20.08 3.09 -11.94
N LEU A 218 -21.22 3.73 -11.65
CA LEU A 218 -22.18 3.22 -10.67
C LEU A 218 -22.45 1.73 -10.86
N LEU A 219 -22.47 1.01 -9.74
CA LEU A 219 -22.75 -0.41 -9.73
C LEU A 219 -23.94 -0.68 -8.81
N HIS A 220 -25.04 -1.17 -9.39
CA HIS A 220 -26.23 -1.46 -8.63
C HIS A 220 -26.07 -2.75 -7.83
N THR A 221 -26.71 -2.78 -6.66
CA THR A 221 -26.59 -3.91 -5.73
C THR A 221 -26.93 -5.24 -6.40
N ASP A 222 -27.97 -5.26 -7.24
CA ASP A 222 -28.38 -6.49 -7.91
C ASP A 222 -27.29 -6.99 -8.84
N ASP A 223 -26.60 -6.09 -9.54
CA ASP A 223 -25.48 -6.50 -10.38
C ASP A 223 -24.28 -6.92 -9.52
N LEU A 224 -23.96 -6.12 -8.50
CA LEU A 224 -22.89 -6.46 -7.57
C LEU A 224 -23.06 -7.87 -7.02
N VAL A 225 -24.27 -8.21 -6.60
CA VAL A 225 -24.53 -9.53 -6.03
C VAL A 225 -24.30 -10.62 -7.06
N ALA A 226 -24.78 -10.41 -8.29
CA ALA A 226 -24.56 -11.39 -9.35
C ALA A 226 -23.08 -11.59 -9.63
N HIS A 227 -22.28 -10.53 -9.48
CA HIS A 227 -20.87 -10.60 -9.85
C HIS A 227 -20.05 -11.43 -8.87
N VAL A 228 -20.44 -11.50 -7.59
CA VAL A 228 -19.58 -12.11 -6.59
C VAL A 228 -19.22 -13.55 -6.93
N PRO A 229 -20.18 -14.42 -7.27
CA PRO A 229 -19.78 -15.78 -7.68
C PRO A 229 -18.83 -15.81 -8.88
N ARG A 230 -18.99 -14.90 -9.83
CA ARG A 230 -18.08 -14.88 -10.98
C ARG A 230 -16.70 -14.37 -10.56
N LEU A 231 -16.64 -13.44 -9.62
CA LEU A 231 -15.34 -12.98 -9.15
C LEU A 231 -14.61 -14.06 -8.38
N TRP A 232 -15.34 -14.87 -7.60
CA TRP A 232 -14.71 -16.02 -6.96
C TRP A 232 -14.18 -17.01 -7.99
N GLU A 233 -14.94 -17.26 -9.06
CA GLU A 233 -14.48 -18.18 -10.10
C GLU A 233 -13.21 -17.70 -10.77
N ALA A 234 -13.03 -16.38 -10.86
CA ALA A 234 -11.83 -15.82 -11.48
C ALA A 234 -10.65 -15.74 -10.52
N ALA A 235 -10.85 -16.08 -9.25
CA ALA A 235 -9.75 -16.01 -8.28
C ALA A 235 -8.61 -16.93 -8.68
N ALA A 236 -7.38 -16.50 -8.38
CA ALA A 236 -6.22 -17.25 -8.83
C ALA A 236 -5.03 -16.91 -7.94
N THR A 237 -3.92 -17.59 -8.22
CA THR A 237 -2.62 -17.34 -7.58
C THR A 237 -1.65 -17.21 -8.73
N PRO A 238 -1.06 -16.03 -8.99
CA PRO A 238 -1.19 -14.74 -8.27
C PRO A 238 -2.61 -14.18 -8.30
N ALA A 239 -2.92 -13.30 -7.36
CA ALA A 239 -4.27 -12.77 -7.22
C ALA A 239 -4.72 -12.09 -8.51
N THR A 240 -6.00 -12.26 -8.84
CA THR A 240 -6.62 -11.59 -9.97
C THR A 240 -7.05 -10.20 -9.56
N LEU A 241 -6.65 -9.19 -10.33
CA LEU A 241 -6.99 -7.79 -10.07
C LEU A 241 -8.02 -7.33 -11.10
N VAL A 242 -9.10 -6.70 -10.63
CA VAL A 242 -10.14 -6.22 -11.55
C VAL A 242 -10.76 -4.95 -10.98
N ASN A 243 -11.00 -3.99 -11.87
CA ASN A 243 -11.78 -2.80 -11.53
C ASN A 243 -13.26 -3.17 -11.60
N TRP A 244 -13.96 -2.97 -10.49
CA TRP A 244 -15.32 -3.48 -10.29
C TRP A 244 -16.30 -2.30 -10.30
N GLY A 245 -16.85 -2.02 -11.49
CA GLY A 245 -17.87 -1.01 -11.62
C GLY A 245 -18.94 -1.44 -12.62
N GLY A 246 -19.89 -0.53 -12.86
CA GLY A 246 -20.95 -0.81 -13.80
C GLY A 246 -20.53 -0.63 -15.24
N ASP A 247 -21.47 -0.88 -16.16
CA ASP A 247 -21.21 -0.81 -17.59
C ASP A 247 -21.47 0.57 -18.17
N GLU A 248 -21.97 1.52 -17.39
CA GLU A 248 -22.36 2.83 -17.89
C GLU A 248 -21.49 3.89 -17.27
N ALA A 249 -21.06 4.86 -18.08
CA ALA A 249 -20.42 6.06 -17.57
C ALA A 249 -21.51 6.99 -17.05
N VAL A 250 -21.43 7.34 -15.77
CA VAL A 250 -22.45 8.13 -15.11
C VAL A 250 -21.82 9.44 -14.67
N GLY A 251 -22.33 10.55 -15.22
CA GLY A 251 -21.90 11.85 -14.74
C GLY A 251 -22.54 12.18 -13.41
N ILE A 252 -21.72 12.71 -12.49
CA ILE A 252 -22.23 13.02 -11.16
C ILE A 252 -23.26 14.13 -11.24
N THR A 253 -23.00 15.15 -12.05
CA THR A 253 -23.99 16.21 -12.24
C THR A 253 -25.23 15.67 -12.94
N ASP A 254 -25.05 14.79 -13.92
CA ASP A 254 -26.21 14.14 -14.53
C ASP A 254 -27.05 13.42 -13.48
N CYS A 255 -26.38 12.77 -12.53
CA CYS A 255 -27.11 12.08 -11.47
C CYS A 255 -27.88 13.06 -10.60
N VAL A 256 -27.23 14.16 -10.22
CA VAL A 256 -27.88 15.18 -9.39
C VAL A 256 -29.07 15.78 -10.14
N ARG A 257 -28.88 16.14 -11.41
N ARG A 257 -28.88 16.14 -11.41
N ARG A 257 -28.89 16.12 -11.41
CA ARG A 257 -30.00 16.66 -12.20
CA ARG A 257 -29.98 16.65 -12.22
CA ARG A 257 -29.99 16.66 -12.21
C ARG A 257 -31.15 15.66 -12.24
C ARG A 257 -31.14 15.67 -12.26
C ARG A 257 -31.14 15.66 -12.29
N TYR A 258 -30.83 14.37 -12.38
CA TYR A 258 -31.89 13.37 -12.46
C TYR A 258 -32.67 13.33 -11.15
N LEU A 259 -31.97 13.42 -10.02
CA LEU A 259 -32.65 13.49 -8.73
C LEU A 259 -33.56 14.71 -8.67
N GLU A 260 -33.09 15.87 -9.14
CA GLU A 260 -33.95 17.03 -9.25
C GLU A 260 -35.18 16.71 -10.09
N GLU A 261 -34.95 16.16 -11.28
CA GLU A 261 -36.03 15.84 -12.22
C GLU A 261 -37.09 14.97 -11.57
N LEU A 262 -36.67 13.99 -10.77
CA LEU A 262 -37.62 13.03 -10.22
C LEU A 262 -38.44 13.62 -9.09
N THR A 263 -37.85 14.51 -8.30
CA THR A 263 -38.44 14.91 -7.03
C THR A 263 -38.93 16.35 -7.00
N GLY A 264 -38.44 17.21 -7.89
CA GLY A 264 -38.67 18.63 -7.74
C GLY A 264 -37.72 19.27 -6.77
N VAL A 265 -36.81 18.50 -6.19
CA VAL A 265 -35.78 19.01 -5.30
C VAL A 265 -34.66 19.61 -6.14
N ARG A 266 -34.32 20.87 -5.86
CA ARG A 266 -33.26 21.65 -6.48
C ARG A 266 -31.91 21.41 -5.82
N ALA A 267 -30.92 21.16 -6.65
CA ALA A 267 -29.54 21.04 -6.21
C ALA A 267 -28.85 22.37 -6.35
N ARG A 268 -28.00 22.72 -5.39
CA ARG A 268 -27.19 23.93 -5.47
C ARG A 268 -25.84 23.55 -6.06
N LEU A 269 -25.76 23.53 -7.38
CA LEU A 269 -24.49 23.24 -8.05
C LEU A 269 -23.57 24.43 -7.90
N VAL A 270 -22.38 24.20 -7.36
CA VAL A 270 -21.40 25.26 -7.19
C VAL A 270 -20.22 24.99 -8.12
N PRO A 271 -20.11 25.69 -9.26
CA PRO A 271 -18.90 25.52 -10.08
C PRO A 271 -17.68 25.86 -9.26
N SER A 272 -16.73 24.94 -9.22
CA SER A 272 -15.65 25.04 -8.25
C SER A 272 -14.37 24.44 -8.79
N GLU A 273 -13.25 24.93 -8.27
CA GLU A 273 -11.95 24.40 -8.61
C GLU A 273 -11.77 23.01 -8.01
N VAL A 274 -12.22 22.86 -6.76
CA VAL A 274 -11.99 21.65 -5.96
C VAL A 274 -13.33 20.97 -5.76
N THR A 275 -13.43 19.73 -6.24
CA THR A 275 -14.62 18.91 -6.06
C THR A 275 -14.22 17.57 -5.48
N ARG A 276 -15.19 16.94 -4.81
CA ARG A 276 -15.00 15.57 -4.34
C ARG A 276 -14.78 14.66 -5.55
N GLU A 277 -13.79 13.78 -5.45
CA GLU A 277 -13.30 13.04 -6.59
C GLU A 277 -13.99 11.70 -6.77
N THR A 278 -14.37 11.39 -8.01
CA THR A 278 -14.90 10.09 -8.39
C THR A 278 -14.17 9.61 -9.63
N TYR A 279 -14.21 8.29 -9.85
CA TYR A 279 -13.45 7.65 -10.92
C TYR A 279 -14.38 6.80 -11.76
N ARG A 280 -14.28 6.94 -13.07
CA ARG A 280 -14.90 6.03 -14.02
C ARG A 280 -13.93 4.91 -14.35
N PHE A 281 -14.44 3.67 -14.45
CA PHE A 281 -13.64 2.50 -14.78
C PHE A 281 -13.87 2.06 -16.21
N ASP A 282 -12.81 1.61 -16.85
CA ASP A 282 -12.92 0.82 -18.07
C ASP A 282 -13.48 -0.56 -17.71
N PRO A 283 -14.66 -0.94 -18.19
CA PRO A 283 -15.29 -2.20 -17.75
C PRO A 283 -14.82 -3.45 -18.48
N THR A 284 -13.83 -3.33 -19.36
CA THR A 284 -13.47 -4.44 -20.24
C THR A 284 -13.13 -5.71 -19.45
N ARG A 285 -12.18 -5.61 -18.52
N ARG A 285 -12.20 -5.60 -18.50
CA ARG A 285 -11.75 -6.78 -17.76
CA ARG A 285 -11.77 -6.79 -17.77
C ARG A 285 -12.91 -7.36 -16.95
C ARG A 285 -12.88 -7.36 -16.90
N ARG A 286 -13.65 -6.51 -16.24
CA ARG A 286 -14.74 -7.01 -15.41
C ARG A 286 -15.79 -7.72 -16.23
N ARG A 287 -16.11 -7.19 -17.41
CA ARG A 287 -17.10 -7.82 -18.28
C ARG A 287 -16.61 -9.20 -18.74
N GLU A 288 -15.31 -9.35 -18.97
CA GLU A 288 -14.78 -10.67 -19.32
C GLU A 288 -15.08 -11.68 -18.24
N ILE A 289 -15.09 -11.24 -16.97
CA ILE A 289 -15.31 -12.13 -15.84
C ILE A 289 -16.81 -12.31 -15.56
N THR A 290 -17.60 -11.24 -15.59
CA THR A 290 -18.97 -11.30 -15.09
C THR A 290 -20.03 -11.30 -16.17
N GLY A 291 -19.70 -10.90 -17.39
CA GLY A 291 -20.70 -10.57 -18.36
C GLY A 291 -21.28 -9.20 -18.09
N PRO A 292 -22.29 -8.80 -18.87
CA PRO A 292 -22.82 -7.44 -18.77
C PRO A 292 -23.65 -7.22 -17.51
N CYS A 293 -23.68 -5.97 -17.06
CA CYS A 293 -24.63 -5.57 -16.03
C CYS A 293 -26.02 -5.48 -16.64
N ARG A 294 -27.03 -5.54 -15.76
N ARG A 294 -27.03 -5.50 -15.76
CA ARG A 294 -28.43 -5.62 -16.19
CA ARG A 294 -28.41 -5.59 -16.22
C ARG A 294 -29.27 -4.41 -15.80
C ARG A 294 -29.31 -4.46 -15.75
N VAL A 295 -28.88 -3.66 -14.77
CA VAL A 295 -29.70 -2.57 -14.22
C VAL A 295 -29.19 -1.25 -14.77
N PRO A 296 -29.93 -0.57 -15.66
CA PRO A 296 -29.53 0.78 -16.06
C PRO A 296 -29.66 1.74 -14.89
N TRP A 297 -28.80 2.76 -14.88
CA TRP A 297 -28.68 3.58 -13.67
C TRP A 297 -29.89 4.48 -13.43
N ARG A 298 -30.55 4.96 -14.49
CA ARG A 298 -31.69 5.84 -14.23
C ARG A 298 -32.84 5.09 -13.57
N GLU A 299 -33.09 3.84 -13.99
CA GLU A 299 -34.13 3.08 -13.31
C GLU A 299 -33.67 2.65 -11.93
N GLY A 300 -32.40 2.23 -11.81
CA GLY A 300 -31.89 1.87 -10.50
C GLY A 300 -31.99 3.01 -9.49
N VAL A 301 -31.57 4.21 -9.90
CA VAL A 301 -31.59 5.34 -8.98
C VAL A 301 -33.01 5.74 -8.64
N ARG A 302 -33.91 5.72 -9.63
CA ARG A 302 -35.31 6.03 -9.36
C ARG A 302 -35.88 5.08 -8.33
N ARG A 303 -35.68 3.77 -8.50
CA ARG A 303 -36.23 2.84 -7.53
C ARG A 303 -35.54 2.96 -6.18
N THR A 304 -34.26 3.34 -6.15
CA THR A 304 -33.61 3.57 -4.87
C THR A 304 -34.27 4.74 -4.13
N LEU A 305 -34.55 5.83 -4.85
CA LEU A 305 -35.30 6.94 -4.27
C LEU A 305 -36.64 6.47 -3.73
N GLN A 306 -37.38 5.71 -4.55
CA GLN A 306 -38.69 5.24 -4.13
C GLN A 306 -38.60 4.44 -2.84
N ALA A 307 -37.53 3.66 -2.68
CA ALA A 307 -37.38 2.82 -1.50
C ALA A 307 -37.03 3.65 -0.28
N LEU A 308 -36.16 4.65 -0.43
CA LEU A 308 -35.60 5.34 0.72
C LEU A 308 -36.19 6.72 0.97
N HIS A 309 -36.76 7.37 -0.03
CA HIS A 309 -37.33 8.70 0.13
C HIS A 309 -38.62 8.80 -0.66
N PRO A 310 -39.55 7.86 -0.46
CA PRO A 310 -40.76 7.86 -1.28
C PRO A 310 -41.58 9.14 -1.18
N GLU A 311 -41.55 9.80 -0.03
CA GLU A 311 -42.38 10.99 0.17
C GLU A 311 -41.95 12.17 -0.68
N HIS A 312 -40.72 12.17 -1.22
CA HIS A 312 -40.25 13.30 -2.02
C HIS A 312 -40.48 13.10 -3.50
N LEU A 313 -41.11 12.05 -3.87
CA LEU A 313 -41.45 11.79 -5.25
C LEU A 313 -42.89 12.23 -5.50
N PRO A 314 -43.20 12.70 -6.71
CA PRO A 314 -44.55 13.21 -6.99
C PRO A 314 -45.63 12.18 -6.67
N SER A 315 -46.63 12.61 -5.91
CA SER A 315 -47.75 11.76 -5.52
C SER A 315 -49.08 12.44 -5.85
N MET B 9 27.68 -8.26 17.89
N MET B 9 27.67 -8.26 17.90
CA MET B 9 27.01 -9.52 17.46
CA MET B 9 27.01 -9.52 17.45
C MET B 9 28.00 -10.57 17.00
C MET B 9 28.02 -10.57 17.02
N GLU B 10 27.86 -11.78 17.56
CA GLU B 10 28.78 -12.87 17.28
C GLU B 10 28.01 -14.18 17.30
N GLY B 11 28.42 -15.11 16.44
CA GLY B 11 27.87 -16.44 16.45
C GLY B 11 26.46 -16.54 15.91
N LYS B 12 26.00 -15.55 15.15
CA LYS B 12 24.66 -15.57 14.60
C LYS B 12 24.68 -15.99 13.13
N LYS B 13 23.50 -16.20 12.58
CA LYS B 13 23.33 -16.66 11.20
C LYS B 13 22.38 -15.70 10.51
N ILE B 14 22.90 -14.94 9.56
CA ILE B 14 22.25 -13.72 9.09
C ILE B 14 21.97 -13.87 7.61
N LEU B 15 20.72 -13.63 7.22
CA LEU B 15 20.31 -13.60 5.83
C LEU B 15 20.18 -12.15 5.40
N VAL B 16 20.84 -11.80 4.29
CA VAL B 16 20.83 -10.44 3.77
C VAL B 16 20.38 -10.51 2.32
N THR B 17 19.36 -9.71 1.98
CA THR B 17 19.07 -9.42 0.59
C THR B 17 19.58 -8.03 0.26
N GLY B 18 19.81 -7.78 -1.02
CA GLY B 18 20.40 -6.53 -1.42
C GLY B 18 21.84 -6.40 -1.02
N GLY B 19 22.54 -7.52 -0.82
CA GLY B 19 23.91 -7.49 -0.34
C GLY B 19 24.92 -6.91 -1.31
N THR B 20 24.55 -6.71 -2.57
CA THR B 20 25.40 -6.02 -3.52
C THR B 20 25.17 -4.52 -3.53
N GLY B 21 24.15 -4.02 -2.82
CA GLY B 21 23.74 -2.63 -2.96
C GLY B 21 24.44 -1.68 -2.00
N GLN B 22 24.14 -0.39 -2.19
CA GLN B 22 24.72 0.68 -1.39
C GLN B 22 24.54 0.47 0.10
N VAL B 23 23.34 0.03 0.50
CA VAL B 23 22.97 0.00 1.91
C VAL B 23 23.50 -1.25 2.60
N ALA B 24 23.19 -2.42 2.05
CA ALA B 24 23.40 -3.66 2.79
C ALA B 24 24.78 -4.27 2.58
N ARG B 25 25.50 -3.90 1.54
CA ARG B 25 26.83 -4.49 1.35
C ARG B 25 27.75 -4.20 2.53
N PRO B 26 27.90 -2.96 3.01
CA PRO B 26 28.75 -2.74 4.19
C PRO B 26 28.26 -3.48 5.42
N VAL B 27 26.94 -3.65 5.56
CA VAL B 27 26.41 -4.39 6.69
C VAL B 27 26.83 -5.85 6.62
N ALA B 28 26.61 -6.49 5.46
CA ALA B 28 26.96 -7.89 5.31
C ALA B 28 28.46 -8.11 5.54
N GLU B 29 29.29 -7.25 4.96
N GLU B 29 29.29 -7.25 4.96
CA GLU B 29 30.74 -7.41 5.11
CA GLU B 29 30.74 -7.41 5.11
C GLU B 29 31.17 -7.23 6.56
C GLU B 29 31.18 -7.23 6.56
N ALA B 30 30.54 -6.31 7.29
CA ALA B 30 30.91 -6.10 8.70
C ALA B 30 30.50 -7.29 9.55
N LEU B 31 29.30 -7.83 9.31
CA LEU B 31 28.81 -8.97 10.08
C LEU B 31 29.54 -10.27 9.76
N ALA B 32 30.17 -10.36 8.58
CA ALA B 32 30.84 -11.58 8.15
C ALA B 32 32.03 -11.93 9.03
N GLU B 33 32.55 -10.96 9.77
CA GLU B 33 33.75 -11.20 10.55
C GLU B 33 33.50 -12.19 11.69
N ARG B 34 32.39 -12.04 12.42
CA ARG B 34 32.07 -12.91 13.56
C ARG B 34 30.76 -13.67 13.40
N ASN B 35 30.13 -13.63 12.23
CA ASN B 35 28.87 -14.31 12.04
C ASN B 35 28.87 -15.02 10.70
N GLU B 36 27.96 -15.98 10.55
CA GLU B 36 27.72 -16.62 9.27
C GLU B 36 26.72 -15.76 8.51
N VAL B 37 27.12 -15.26 7.34
CA VAL B 37 26.32 -14.32 6.57
C VAL B 37 26.02 -14.94 5.21
N TRP B 38 24.75 -14.97 4.85
CA TRP B 38 24.33 -15.35 3.51
C TRP B 38 23.76 -14.13 2.80
N CYS B 39 24.20 -13.90 1.56
CA CYS B 39 23.63 -12.87 0.70
C CYS B 39 22.86 -13.54 -0.42
N LEU B 40 21.58 -13.19 -0.54
CA LEU B 40 20.70 -13.69 -1.58
C LEU B 40 20.56 -12.63 -2.66
N GLY B 41 20.76 -13.01 -3.91
CA GLY B 41 20.62 -12.06 -4.99
C GLY B 41 20.91 -12.69 -6.34
N ARG B 42 21.00 -11.82 -7.34
CA ARG B 42 21.29 -12.24 -8.71
C ARG B 42 22.76 -12.08 -9.06
N PHE B 43 23.42 -11.08 -8.49
CA PHE B 43 24.86 -10.87 -8.69
C PHE B 43 25.20 -10.73 -10.17
N GLY B 44 24.44 -9.88 -10.86
CA GLY B 44 24.66 -9.64 -12.28
C GLY B 44 25.90 -8.81 -12.57
N THR B 45 26.38 -8.05 -11.59
CA THR B 45 27.59 -7.26 -11.79
C THR B 45 28.80 -8.18 -11.82
N PRO B 46 29.61 -8.17 -12.88
CA PRO B 46 30.75 -9.09 -12.94
C PRO B 46 31.63 -8.96 -11.72
N GLY B 47 31.94 -10.10 -11.10
CA GLY B 47 32.93 -10.15 -10.04
C GLY B 47 32.39 -9.88 -8.65
N VAL B 48 31.17 -9.36 -8.51
CA VAL B 48 30.73 -8.96 -7.18
C VAL B 48 30.51 -10.18 -6.29
N GLU B 49 30.02 -11.28 -6.86
CA GLU B 49 29.78 -12.45 -6.04
C GLU B 49 31.08 -12.97 -5.45
N LYS B 50 32.16 -12.95 -6.23
CA LYS B 50 33.43 -13.42 -5.71
C LYS B 50 33.94 -12.50 -4.62
N GLU B 51 33.77 -11.18 -4.79
CA GLU B 51 34.21 -10.25 -3.74
C GLU B 51 33.54 -10.60 -2.41
N LEU B 52 32.26 -10.94 -2.44
CA LEU B 52 31.56 -11.33 -1.23
C LEU B 52 32.06 -12.67 -0.69
N ASN B 53 32.24 -13.67 -1.56
CA ASN B 53 32.74 -14.96 -1.11
C ASN B 53 34.11 -14.81 -0.44
N ASP B 54 34.95 -13.95 -1.00
CA ASP B 54 36.28 -13.73 -0.42
C ASP B 54 36.22 -13.18 1.00
N ARG B 55 35.09 -12.60 1.40
CA ARG B 55 34.90 -12.20 2.80
C ARG B 55 34.34 -13.32 3.65
N GLY B 56 34.11 -14.50 3.07
CA GLY B 56 33.48 -15.57 3.80
C GLY B 56 31.98 -15.49 3.81
N ILE B 57 31.38 -14.72 2.92
CA ILE B 57 29.93 -14.60 2.83
C ILE B 57 29.44 -15.68 1.85
N THR B 58 28.48 -16.48 2.29
CA THR B 58 27.87 -17.46 1.40
C THR B 58 26.84 -16.77 0.52
N THR B 59 26.94 -17.00 -0.79
CA THR B 59 26.04 -16.38 -1.76
C THR B 59 25.07 -17.42 -2.28
N PHE B 60 23.84 -17.00 -2.53
CA PHE B 60 22.76 -17.91 -2.92
C PHE B 60 21.94 -17.20 -3.96
N HIS B 61 21.87 -17.80 -5.15
N HIS B 61 21.83 -17.80 -5.15
CA HIS B 61 21.13 -17.18 -6.25
CA HIS B 61 21.17 -17.12 -6.23
C HIS B 61 19.66 -17.11 -5.89
C HIS B 61 19.67 -17.12 -6.01
N TRP B 62 19.08 -15.94 -6.09
CA TRP B 62 17.72 -15.67 -5.62
C TRP B 62 17.22 -14.46 -6.37
N ASP B 63 16.15 -14.64 -7.15
CA ASP B 63 15.58 -13.58 -7.97
C ASP B 63 14.15 -13.37 -7.54
N MET B 64 13.84 -12.15 -7.07
CA MET B 64 12.49 -11.87 -6.62
C MET B 64 11.47 -11.97 -7.76
N ASP B 65 11.92 -11.89 -9.01
CA ASP B 65 11.02 -12.04 -10.14
C ASP B 65 10.50 -13.46 -10.32
N ASP B 66 11.12 -14.44 -9.68
CA ASP B 66 10.56 -15.79 -9.68
C ASP B 66 9.45 -15.85 -8.64
N PRO B 67 8.19 -16.04 -9.04
CA PRO B 67 7.09 -15.98 -8.06
C PRO B 67 6.96 -17.21 -7.17
N GLY B 68 7.60 -18.34 -7.52
CA GLY B 68 7.27 -19.61 -6.90
C GLY B 68 8.06 -19.92 -5.64
N ALA B 69 7.57 -20.91 -4.91
CA ALA B 69 8.20 -21.33 -3.67
C ALA B 69 9.51 -22.06 -3.91
N ALA B 70 9.74 -22.58 -5.13
CA ALA B 70 10.95 -23.33 -5.43
C ALA B 70 12.20 -22.47 -5.28
N ALA B 71 12.06 -21.15 -5.46
CA ALA B 71 13.20 -20.26 -5.33
C ALA B 71 13.87 -20.39 -3.96
N TYR B 72 13.16 -20.92 -2.97
CA TYR B 72 13.67 -21.01 -1.60
C TYR B 72 14.19 -22.40 -1.25
N GLU B 73 14.15 -23.36 -2.17
CA GLU B 73 14.68 -24.69 -1.90
C GLU B 73 16.19 -24.64 -1.75
N GLY B 74 16.70 -25.34 -0.73
CA GLY B 74 18.13 -25.32 -0.45
C GLY B 74 18.56 -24.22 0.48
N LEU B 75 17.66 -23.37 0.91
CA LEU B 75 18.01 -22.27 1.79
C LEU B 75 17.77 -22.70 3.23
N PRO B 76 18.75 -22.56 4.13
CA PRO B 76 18.52 -22.98 5.51
C PRO B 76 17.32 -22.27 6.11
N ASP B 77 16.74 -22.89 7.13
CA ASP B 77 15.61 -22.32 7.84
C ASP B 77 15.97 -21.92 9.26
N ASP B 78 17.26 -21.89 9.59
CA ASP B 78 17.70 -21.58 10.95
C ASP B 78 18.43 -20.24 11.01
N PHE B 79 18.13 -19.33 10.09
CA PHE B 79 18.66 -17.97 10.20
C PHE B 79 18.12 -17.33 11.47
N THR B 80 18.98 -16.58 12.16
CA THR B 80 18.58 -15.88 13.38
C THR B 80 18.18 -14.43 13.14
N HIS B 81 18.72 -13.80 12.10
CA HIS B 81 18.51 -12.39 11.83
C HIS B 81 18.42 -12.19 10.33
N VAL B 82 17.55 -11.29 9.91
CA VAL B 82 17.28 -11.08 8.49
C VAL B 82 17.29 -9.58 8.21
N LEU B 83 18.00 -9.20 7.15
CA LEU B 83 17.99 -7.83 6.64
C LEU B 83 17.49 -7.90 5.22
N HIS B 84 16.26 -7.41 4.99
CA HIS B 84 15.66 -7.42 3.67
C HIS B 84 15.81 -6.03 3.07
N SER B 85 16.80 -5.88 2.19
CA SER B 85 17.14 -4.60 1.59
C SER B 85 16.94 -4.56 0.08
N ALA B 86 16.79 -5.71 -0.58
CA ALA B 86 16.56 -5.72 -2.02
C ALA B 86 15.21 -5.10 -2.35
N VAL B 87 15.15 -4.39 -3.48
CA VAL B 87 13.92 -3.79 -3.99
C VAL B 87 13.89 -3.88 -5.52
N ARG B 88 12.74 -4.25 -6.08
CA ARG B 88 12.44 -4.06 -7.50
C ARG B 88 11.70 -2.72 -7.64
N ARG B 89 12.33 -1.71 -8.29
CA ARG B 89 11.88 -0.32 -8.13
C ARG B 89 10.75 0.10 -9.07
N GLY B 90 10.63 -0.48 -10.26
CA GLY B 90 9.50 -0.17 -11.13
C GLY B 90 9.74 0.80 -12.28
N GLU B 91 11.00 1.08 -12.64
CA GLU B 91 11.30 2.07 -13.67
C GLU B 91 10.58 1.81 -14.99
N ASP B 92 10.26 0.55 -15.31
CA ASP B 92 9.46 0.31 -16.53
C ASP B 92 8.02 0.78 -16.39
N GLY B 93 7.60 1.25 -15.22
CA GLY B 93 6.24 1.70 -15.00
C GLY B 93 5.19 0.62 -14.81
N ASP B 94 5.56 -0.66 -14.82
CA ASP B 94 4.59 -1.74 -14.61
C ASP B 94 4.33 -1.77 -13.12
N VAL B 95 3.32 -1.02 -12.67
CA VAL B 95 3.14 -0.85 -11.23
C VAL B 95 2.68 -2.13 -10.58
N ASN B 96 1.86 -2.93 -11.28
CA ASN B 96 1.38 -4.17 -10.70
C ASN B 96 2.50 -5.18 -10.54
N ALA B 97 3.39 -5.26 -11.52
CA ALA B 97 4.54 -6.16 -11.38
C ALA B 97 5.40 -5.75 -10.19
N ALA B 98 5.65 -4.45 -10.03
CA ALA B 98 6.48 -3.99 -8.92
C ALA B 98 5.84 -4.31 -7.58
N VAL B 99 4.56 -3.95 -7.41
CA VAL B 99 3.84 -4.23 -6.18
C VAL B 99 3.84 -5.73 -5.91
N GLU B 100 3.52 -6.53 -6.92
CA GLU B 100 3.40 -7.96 -6.73
C GLU B 100 4.75 -8.56 -6.33
N VAL B 101 5.80 -8.20 -7.05
CA VAL B 101 7.11 -8.81 -6.82
C VAL B 101 7.60 -8.51 -5.40
N ASN B 102 7.56 -7.22 -5.02
CA ASN B 102 8.10 -6.85 -3.71
C ASN B 102 7.26 -7.39 -2.58
N SER B 103 5.93 -7.35 -2.71
CA SER B 103 5.06 -7.82 -1.64
C SER B 103 5.23 -9.31 -1.43
N VAL B 104 5.18 -10.10 -2.50
CA VAL B 104 5.27 -11.55 -2.37
C VAL B 104 6.63 -11.94 -1.82
N ALA B 105 7.69 -11.25 -2.26
CA ALA B 105 9.02 -11.57 -1.76
C ALA B 105 9.10 -11.33 -0.25
N CYS B 106 8.48 -10.26 0.24
CA CYS B 106 8.43 -10.04 1.68
C CYS B 106 7.75 -11.22 2.37
N GLY B 107 6.60 -11.65 1.85
CA GLY B 107 5.88 -12.75 2.46
C GLY B 107 6.67 -14.06 2.46
N ARG B 108 7.25 -14.40 1.31
CA ARG B 108 7.94 -15.69 1.21
C ARG B 108 9.18 -15.70 2.09
N LEU B 109 9.86 -14.56 2.18
CA LEU B 109 11.09 -14.49 2.97
C LEU B 109 10.78 -14.51 4.46
N MET B 110 9.78 -13.75 4.89
CA MET B 110 9.40 -13.79 6.29
C MET B 110 8.89 -15.18 6.69
N THR B 111 8.10 -15.80 5.83
CA THR B 111 7.60 -17.15 6.12
C THR B 111 8.74 -18.15 6.22
N HIS B 112 9.67 -18.10 5.26
CA HIS B 112 10.83 -19.00 5.32
C HIS B 112 11.61 -18.80 6.62
N CYS B 113 11.79 -17.56 7.06
CA CYS B 113 12.54 -17.23 8.27
C CYS B 113 11.66 -17.00 9.48
N ARG B 114 10.52 -17.68 9.55
CA ARG B 114 9.57 -17.43 10.62
C ARG B 114 10.17 -17.69 12.01
N GLY B 115 11.22 -18.48 12.09
CA GLY B 115 11.85 -18.74 13.38
C GLY B 115 12.93 -17.76 13.78
N ALA B 116 13.18 -16.73 12.97
CA ALA B 116 14.25 -15.79 13.23
C ALA B 116 13.98 -14.98 14.49
N GLU B 117 15.06 -14.50 15.11
CA GLU B 117 14.94 -13.59 16.25
C GLU B 117 14.42 -12.22 15.83
N ALA B 118 14.76 -11.76 14.64
CA ALA B 118 14.39 -10.41 14.21
C ALA B 118 14.49 -10.31 12.70
N PHE B 119 13.56 -9.53 12.12
CA PHE B 119 13.49 -9.25 10.70
C PHE B 119 13.52 -7.74 10.52
N LEU B 120 14.45 -7.24 9.70
CA LEU B 120 14.59 -5.82 9.44
C LEU B 120 14.27 -5.55 7.98
N PHE B 121 13.22 -4.77 7.74
CA PHE B 121 12.81 -4.38 6.39
C PHE B 121 13.20 -2.93 6.16
N VAL B 122 13.91 -2.66 5.07
CA VAL B 122 14.31 -1.29 4.73
C VAL B 122 13.22 -0.69 3.86
N SER B 123 12.65 0.43 4.30
CA SER B 123 11.67 1.19 3.55
C SER B 123 12.26 2.54 3.18
N THR B 124 11.40 3.53 2.93
CA THR B 124 11.87 4.82 2.45
C THR B 124 11.04 5.96 3.02
N GLY B 125 11.68 7.11 3.16
CA GLY B 125 10.99 8.32 3.55
C GLY B 125 10.19 8.97 2.44
N ALA B 126 10.38 8.53 1.20
CA ALA B 126 9.62 9.09 0.09
C ALA B 126 8.14 8.81 0.22
N LEU B 127 7.74 7.96 1.16
CA LEU B 127 6.32 7.69 1.41
C LEU B 127 5.59 8.92 1.95
N TYR B 128 6.29 9.77 2.68
CA TYR B 128 5.60 10.83 3.41
C TYR B 128 4.94 11.83 2.48
N LYS B 129 3.75 12.25 2.87
CA LYS B 129 3.08 13.34 2.17
C LYS B 129 3.84 14.64 2.40
N ARG B 130 4.14 15.34 1.33
CA ARG B 130 4.99 16.52 1.40
C ARG B 130 4.37 17.63 2.23
N GLN B 131 5.12 18.11 3.21
CA GLN B 131 4.77 19.31 3.96
C GLN B 131 5.73 20.44 3.57
N THR B 132 6.21 21.23 4.53
CA THR B 132 7.15 22.30 4.21
C THR B 132 8.54 21.72 3.88
N LEU B 133 9.32 22.51 3.14
CA LEU B 133 10.64 22.05 2.70
C LEU B 133 11.48 21.55 3.86
N ASP B 134 11.45 22.25 4.99
CA ASP B 134 12.31 21.95 6.12
C ASP B 134 11.58 21.14 7.20
N HIS B 135 10.36 20.69 6.94
CA HIS B 135 9.62 19.92 7.93
C HIS B 135 10.41 18.68 8.33
N ALA B 136 10.40 18.38 9.63
CA ALA B 136 11.05 17.18 10.16
C ALA B 136 9.99 16.10 10.31
N TYR B 137 10.00 15.12 9.42
CA TYR B 137 8.94 14.12 9.39
C TYR B 137 9.12 13.14 10.53
N THR B 138 8.02 12.83 11.20
CA THR B 138 7.99 11.83 12.25
C THR B 138 7.29 10.58 11.74
N GLU B 139 7.38 9.51 12.53
CA GLU B 139 6.80 8.23 12.14
C GLU B 139 5.28 8.29 12.02
N ASP B 140 4.64 9.32 12.58
CA ASP B 140 3.19 9.43 12.56
C ASP B 140 2.67 10.39 11.51
N ASP B 141 3.55 10.96 10.68
CA ASP B 141 3.12 11.91 9.69
C ASP B 141 2.37 11.22 8.55
N PRO B 142 1.47 11.93 7.86
CA PRO B 142 0.70 11.32 6.78
C PRO B 142 1.58 10.78 5.67
N VAL B 143 1.07 9.73 5.01
CA VAL B 143 1.73 9.04 3.91
C VAL B 143 0.86 9.21 2.67
N ASP B 144 1.49 9.33 1.49
CA ASP B 144 0.69 9.33 0.26
C ASP B 144 1.33 8.61 -0.92
N GLY B 145 2.60 8.20 -0.84
CA GLY B 145 3.20 7.50 -1.96
C GLY B 145 3.26 8.26 -3.27
N VAL B 146 3.41 9.58 -3.22
CA VAL B 146 3.56 10.40 -4.42
C VAL B 146 5.05 10.57 -4.69
N ALA B 147 5.48 10.28 -5.91
CA ALA B 147 6.86 10.52 -6.32
C ALA B 147 6.93 10.76 -7.82
N ASP B 148 7.40 11.95 -8.21
CA ASP B 148 7.47 12.29 -9.63
C ASP B 148 8.50 11.46 -10.38
N TRP B 149 9.66 11.19 -9.77
CA TRP B 149 10.73 10.54 -10.52
C TRP B 149 10.45 9.07 -10.76
N LEU B 150 9.98 8.35 -9.75
CA LEU B 150 9.79 6.91 -9.84
C LEU B 150 8.46 6.58 -9.17
N PRO B 151 7.35 6.74 -9.91
CA PRO B 151 6.03 6.67 -9.26
C PRO B 151 5.72 5.34 -8.61
N ALA B 152 6.11 4.23 -9.25
CA ALA B 152 5.82 2.91 -8.71
C ALA B 152 6.60 2.61 -7.44
N TYR B 153 7.64 3.41 -7.12
CA TYR B 153 8.56 3.04 -6.05
C TYR B 153 7.92 3.22 -4.68
N PRO B 154 7.47 4.42 -4.28
CA PRO B 154 6.83 4.53 -2.97
C PRO B 154 5.58 3.69 -2.84
N VAL B 155 4.82 3.51 -3.92
CA VAL B 155 3.63 2.68 -3.86
C VAL B 155 4.00 1.24 -3.53
N GLY B 156 5.05 0.73 -4.18
CA GLY B 156 5.52 -0.61 -3.88
C GLY B 156 5.97 -0.75 -2.44
N LYS B 157 6.54 0.30 -1.85
CA LYS B 157 6.95 0.23 -0.46
C LYS B 157 5.75 0.25 0.49
N ILE B 158 4.71 1.02 0.17
CA ILE B 158 3.50 0.94 1.00
C ILE B 158 2.93 -0.47 1.00
N ALA B 159 2.86 -1.07 -0.18
CA ALA B 159 2.31 -2.42 -0.29
C ALA B 159 3.19 -3.41 0.43
N ALA B 160 4.51 -3.28 0.29
CA ALA B 160 5.43 -4.18 0.97
C ALA B 160 5.35 -4.01 2.48
N GLU B 161 5.26 -2.77 2.97
CA GLU B 161 5.06 -2.54 4.40
C GLU B 161 3.78 -3.22 4.89
N GLY B 162 2.72 -3.16 4.10
CA GLY B 162 1.49 -3.85 4.48
C GLY B 162 1.71 -5.34 4.65
N ALA B 163 2.41 -5.95 3.69
CA ALA B 163 2.72 -7.37 3.81
C ALA B 163 3.60 -7.64 5.03
N VAL B 164 4.61 -6.80 5.25
CA VAL B 164 5.53 -7.03 6.36
C VAL B 164 4.80 -6.94 7.70
N ARG B 165 3.97 -5.90 7.88
CA ARG B 165 3.19 -5.79 9.11
C ARG B 165 2.34 -7.03 9.33
N ALA B 166 1.67 -7.50 8.28
CA ALA B 166 0.74 -8.62 8.41
C ALA B 166 1.49 -9.90 8.77
N PHE B 167 2.60 -10.19 8.06
CA PHE B 167 3.32 -11.42 8.36
C PHE B 167 3.98 -11.37 9.73
N ALA B 168 4.47 -10.20 10.16
CA ALA B 168 5.03 -10.11 11.51
C ALA B 168 4.04 -10.61 12.54
N GLN B 169 2.78 -10.21 12.42
CA GLN B 169 1.77 -10.61 13.40
C GLN B 169 1.38 -12.07 13.21
N VAL B 170 1.11 -12.49 11.96
CA VAL B 170 0.66 -13.85 11.72
C VAL B 170 1.75 -14.85 12.10
N LEU B 171 3.00 -14.54 11.76
CA LEU B 171 4.10 -15.46 12.06
C LEU B 171 4.65 -15.30 13.46
N ASN B 172 4.26 -14.25 14.17
CA ASN B 172 4.89 -13.88 15.44
C ASN B 172 6.40 -13.76 15.26
N LEU B 173 6.78 -13.02 14.22
CA LEU B 173 8.19 -12.78 13.88
C LEU B 173 8.53 -11.33 14.23
N PRO B 174 9.33 -11.08 15.25
CA PRO B 174 9.65 -9.70 15.61
C PRO B 174 10.27 -8.97 14.42
N THR B 175 9.77 -7.78 14.15
CA THR B 175 10.12 -7.06 12.92
C THR B 175 10.34 -5.59 13.23
N THR B 176 11.25 -4.99 12.45
CA THR B 176 11.43 -3.54 12.41
C THR B 176 11.29 -3.09 10.96
N ILE B 177 10.52 -2.03 10.76
CA ILE B 177 10.42 -1.33 9.48
C ILE B 177 11.16 -0.02 9.65
N ALA B 178 12.27 0.13 8.92
CA ALA B 178 13.14 1.29 9.03
C ALA B 178 13.06 2.08 7.73
N ARG B 179 12.36 3.22 7.76
CA ARG B 179 12.23 4.07 6.58
C ARG B 179 13.52 4.88 6.43
N LEU B 180 14.31 4.53 5.42
CA LEU B 180 15.65 5.07 5.29
C LEU B 180 15.64 6.43 4.60
N ASN B 181 16.49 7.33 5.09
CA ASN B 181 16.74 8.62 4.46
C ASN B 181 17.85 8.42 3.44
N ILE B 182 18.65 9.45 3.16
CA ILE B 182 19.71 9.36 2.17
C ILE B 182 20.93 8.74 2.81
N ALA B 183 21.33 7.58 2.32
CA ALA B 183 22.56 6.93 2.77
C ALA B 183 23.74 7.38 1.91
N TYR B 184 24.90 7.54 2.54
CA TYR B 184 26.09 7.92 1.79
C TYR B 184 27.31 7.38 2.53
N GLY B 185 28.41 7.26 1.79
CA GLY B 185 29.63 6.75 2.35
C GLY B 185 30.63 6.38 1.28
N PRO B 186 31.80 5.87 1.69
CA PRO B 186 32.88 5.64 0.73
C PRO B 186 32.66 4.47 -0.21
N GLY B 187 31.69 3.61 0.05
CA GLY B 187 31.48 2.47 -0.81
C GLY B 187 30.58 2.79 -1.99
N GLY B 188 30.55 1.87 -2.94
CA GLY B 188 29.62 2.01 -4.06
C GLY B 188 29.88 3.28 -4.84
N TYR B 189 28.82 4.04 -5.11
CA TYR B 189 28.95 5.29 -5.85
C TYR B 189 28.91 6.51 -4.93
N GLY B 190 28.91 6.31 -3.61
CA GLY B 190 29.08 7.39 -2.68
C GLY B 190 27.80 8.02 -2.18
N GLY B 191 26.65 7.67 -2.75
CA GLY B 191 25.39 8.25 -2.37
C GLY B 191 25.11 9.56 -3.08
N VAL B 192 23.99 10.17 -2.70
CA VAL B 192 23.53 11.39 -3.37
C VAL B 192 24.60 12.47 -3.35
N PRO B 193 25.32 12.71 -2.24
CA PRO B 193 26.34 13.77 -2.26
C PRO B 193 27.37 13.59 -3.36
N MET B 194 27.80 12.36 -3.63
CA MET B 194 28.74 12.12 -4.70
C MET B 194 28.09 12.14 -6.08
N LEU B 195 26.80 11.86 -6.17
CA LEU B 195 26.12 12.07 -7.46
C LEU B 195 26.09 13.55 -7.81
N TYR B 196 25.85 14.42 -6.81
CA TYR B 196 25.96 15.85 -7.05
C TYR B 196 27.36 16.24 -7.48
N PHE B 197 28.38 15.67 -6.84
CA PHE B 197 29.76 16.02 -7.22
C PHE B 197 30.07 15.58 -8.65
N LYS B 198 29.59 14.40 -9.06
CA LYS B 198 29.78 13.99 -10.46
C LYS B 198 29.22 15.03 -11.41
N ARG B 199 28.03 15.55 -11.12
CA ARG B 199 27.44 16.58 -11.95
C ARG B 199 28.29 17.83 -11.95
N MET B 200 28.85 18.19 -10.80
CA MET B 200 29.77 19.33 -10.74
C MET B 200 30.99 19.09 -11.60
N LEU B 201 31.59 17.90 -11.50
CA LEU B 201 32.75 17.57 -12.31
C LEU B 201 32.42 17.68 -13.80
N ALA B 202 31.24 17.23 -14.19
CA ALA B 202 30.82 17.21 -15.59
C ALA B 202 30.28 18.56 -16.06
N GLY B 203 30.17 19.54 -15.18
CA GLY B 203 29.65 20.83 -15.56
C GLY B 203 28.15 20.86 -15.80
N GLU B 204 27.41 19.92 -15.23
CA GLU B 204 25.97 19.86 -15.45
C GLU B 204 25.23 20.78 -14.48
N PRO B 205 24.08 21.33 -14.89
CA PRO B 205 23.31 22.18 -13.98
C PRO B 205 22.83 21.39 -12.77
N ILE B 206 22.70 22.08 -11.65
CA ILE B 206 22.20 21.47 -10.41
C ILE B 206 20.94 22.21 -10.01
N PRO B 207 19.76 21.65 -10.30
CA PRO B 207 18.51 22.35 -9.96
C PRO B 207 18.37 22.53 -8.45
N VAL B 208 18.00 23.74 -8.06
CA VAL B 208 17.66 24.04 -6.67
C VAL B 208 16.35 24.82 -6.64
N PRO B 209 15.67 24.84 -5.50
CA PRO B 209 14.37 25.54 -5.43
C PRO B 209 14.54 27.06 -5.56
N LYS B 210 13.41 27.72 -5.86
CA LYS B 210 13.43 29.17 -6.00
C LYS B 210 13.63 29.86 -4.66
N GLU B 211 12.93 29.41 -3.63
CA GLU B 211 13.09 29.91 -2.28
C GLU B 211 13.53 28.77 -1.37
N GLY B 212 14.51 29.05 -0.52
CA GLY B 212 15.03 28.08 0.41
C GLY B 212 15.78 26.99 -0.34
N GLN B 213 15.89 25.84 0.32
CA GLN B 213 16.58 24.70 -0.25
C GLN B 213 15.85 23.43 0.19
N ASN B 214 16.16 22.35 -0.50
CA ASN B 214 15.70 21.04 -0.08
C ASN B 214 16.49 20.57 1.13
N TRP B 215 15.89 19.68 1.91
CA TRP B 215 16.48 19.23 3.16
C TRP B 215 16.45 17.71 3.24
N CYS B 216 17.45 17.15 3.92
CA CYS B 216 17.53 15.72 4.15
C CYS B 216 18.19 15.48 5.50
N SER B 217 18.29 14.20 5.87
CA SER B 217 18.97 13.76 7.10
C SER B 217 19.97 12.67 6.72
N LEU B 218 21.03 13.09 6.03
CA LEU B 218 22.09 12.19 5.59
C LEU B 218 22.49 11.22 6.68
N LEU B 219 22.67 9.95 6.27
CA LEU B 219 23.13 8.90 7.17
C LEU B 219 24.39 8.27 6.57
N HIS B 220 25.50 8.40 7.28
CA HIS B 220 26.75 7.81 6.83
C HIS B 220 26.74 6.31 7.06
N THR B 221 27.28 5.54 6.11
CA THR B 221 27.17 4.08 6.18
C THR B 221 27.84 3.52 7.43
N ASP B 222 28.89 4.16 7.96
CA ASP B 222 29.48 3.65 9.20
C ASP B 222 28.47 3.72 10.34
N ASP B 223 27.67 4.78 10.40
CA ASP B 223 26.58 4.83 11.37
C ASP B 223 25.48 3.83 11.03
N LEU B 224 25.10 3.77 9.75
CA LEU B 224 24.10 2.81 9.30
C LEU B 224 24.46 1.40 9.76
N VAL B 225 25.72 1.02 9.60
CA VAL B 225 26.15 -0.31 9.97
C VAL B 225 25.99 -0.53 11.47
N ALA B 226 26.43 0.44 12.28
CA ALA B 226 26.28 0.32 13.73
C ALA B 226 24.82 0.19 14.13
N HIS B 227 23.91 0.80 13.38
CA HIS B 227 22.51 0.81 13.79
C HIS B 227 21.82 -0.54 13.60
N VAL B 228 22.26 -1.33 12.63
CA VAL B 228 21.51 -2.55 12.29
C VAL B 228 21.31 -3.45 13.50
N PRO B 229 22.33 -3.79 14.28
CA PRO B 229 22.08 -4.60 15.49
C PRO B 229 21.09 -3.97 16.46
N ARG B 230 21.09 -2.64 16.59
CA ARG B 230 20.14 -1.99 17.48
C ARG B 230 18.71 -2.06 16.91
N LEU B 231 18.58 -1.96 15.59
CA LEU B 231 17.26 -2.06 14.98
C LEU B 231 16.70 -3.47 15.11
N TRP B 232 17.55 -4.48 14.99
CA TRP B 232 17.11 -5.84 15.27
C TRP B 232 16.65 -5.99 16.72
N GLU B 233 17.40 -5.39 17.66
CA GLU B 233 17.01 -5.47 19.06
C GLU B 233 15.67 -4.83 19.32
N ALA B 234 15.31 -3.81 18.55
CA ALA B 234 14.05 -3.10 18.73
C ALA B 234 12.89 -3.76 18.00
N ALA B 235 13.15 -4.82 17.23
CA ALA B 235 12.09 -5.50 16.49
C ALA B 235 11.04 -6.03 17.44
N ALA B 236 9.79 -6.00 17.00
CA ALA B 236 8.70 -6.39 17.89
C ALA B 236 7.52 -6.87 17.07
N THR B 237 6.50 -7.30 17.80
CA THR B 237 5.23 -7.75 17.25
C THR B 237 4.15 -7.00 18.02
N PRO B 238 3.44 -6.04 17.40
CA PRO B 238 3.46 -5.52 16.02
C PRO B 238 4.78 -4.86 15.63
N ALA B 239 4.99 -4.75 14.31
CA ALA B 239 6.27 -4.27 13.79
C ALA B 239 6.62 -2.89 14.34
N THR B 240 7.89 -2.71 14.65
CA THR B 240 8.42 -1.42 15.08
C THR B 240 8.73 -0.57 13.86
N LEU B 241 8.16 0.63 13.83
CA LEU B 241 8.38 1.57 12.73
C LEU B 241 9.31 2.68 13.21
N VAL B 242 10.32 3.00 12.40
CA VAL B 242 11.26 4.06 12.76
C VAL B 242 11.75 4.74 11.50
N ASN B 243 11.84 6.07 11.55
CA ASN B 243 12.47 6.86 10.51
C ASN B 243 13.98 6.81 10.70
N TRP B 244 14.70 6.35 9.68
CA TRP B 244 16.11 5.99 9.81
C TRP B 244 16.94 7.02 9.04
N GLY B 245 17.42 8.03 9.77
CA GLY B 245 18.30 9.03 9.20
C GLY B 245 19.36 9.41 10.21
N GLY B 246 20.20 10.36 9.80
CA GLY B 246 21.24 10.87 10.67
C GLY B 246 20.69 11.87 11.68
N ASP B 247 21.59 12.38 12.51
CA ASP B 247 21.18 13.28 13.58
C ASP B 247 21.10 14.74 13.15
N GLU B 248 21.50 15.06 11.93
CA GLU B 248 21.61 16.45 11.48
C GLU B 248 20.68 16.72 10.30
N ALA B 249 20.04 17.89 10.34
CA ALA B 249 19.32 18.40 9.19
C ALA B 249 20.35 18.99 8.21
N VAL B 250 20.38 18.48 6.99
CA VAL B 250 21.37 18.85 5.99
C VAL B 250 20.65 19.51 4.83
N GLY B 251 20.98 20.78 4.57
CA GLY B 251 20.48 21.43 3.38
C GLY B 251 21.22 20.94 2.14
N ILE B 252 20.46 20.64 1.09
CA ILE B 252 21.07 20.11 -0.13
C ILE B 252 21.95 21.17 -0.78
N THR B 253 21.48 22.41 -0.85
CA THR B 253 22.31 23.47 -1.40
C THR B 253 23.54 23.70 -0.53
N ASP B 254 23.38 23.68 0.80
CA ASP B 254 24.54 23.77 1.68
C ASP B 254 25.53 22.66 1.41
N CYS B 255 25.05 21.45 1.15
CA CYS B 255 25.96 20.34 0.84
C CYS B 255 26.72 20.60 -0.44
N VAL B 256 26.03 21.07 -1.48
CA VAL B 256 26.70 21.38 -2.74
C VAL B 256 27.71 22.50 -2.55
N ARG B 257 27.33 23.55 -1.82
CA ARG B 257 28.26 24.64 -1.52
C ARG B 257 29.49 24.11 -0.79
N TYR B 258 29.31 23.18 0.15
CA TYR B 258 30.45 22.61 0.85
C TYR B 258 31.36 21.83 -0.11
N LEU B 259 30.77 21.08 -1.03
CA LEU B 259 31.59 20.41 -2.04
C LEU B 259 32.42 21.42 -2.84
N GLU B 260 31.83 22.57 -3.17
N GLU B 260 31.83 22.57 -3.16
CA GLU B 260 32.58 23.61 -3.85
CA GLU B 260 32.57 23.62 -3.84
C GLU B 260 33.68 24.18 -2.96
C GLU B 260 33.68 24.18 -2.96
N GLU B 261 33.38 24.41 -1.67
CA GLU B 261 34.40 24.88 -0.73
C GLU B 261 35.57 23.93 -0.65
N LEU B 262 35.31 22.62 -0.65
CA LEU B 262 36.37 21.65 -0.42
C LEU B 262 37.26 21.49 -1.63
N THR B 263 36.69 21.57 -2.83
CA THR B 263 37.38 21.15 -4.05
C THR B 263 37.76 22.29 -4.98
N GLY B 264 37.10 23.43 -4.87
CA GLY B 264 37.29 24.48 -5.86
C GLY B 264 36.54 24.28 -7.15
N VAL B 265 35.80 23.18 -7.28
CA VAL B 265 34.95 22.96 -8.45
C VAL B 265 33.66 23.74 -8.25
N ARG B 266 33.25 24.48 -9.27
CA ARG B 266 32.11 25.38 -9.16
C ARG B 266 30.83 24.62 -9.47
N ALA B 267 29.81 24.81 -8.64
CA ALA B 267 28.51 24.20 -8.86
C ALA B 267 27.65 25.15 -9.68
N ARG B 268 26.97 24.60 -10.68
CA ARG B 268 26.10 25.38 -11.57
C ARG B 268 24.66 25.27 -11.07
N LEU B 269 24.33 26.08 -10.06
CA LEU B 269 23.00 26.08 -9.48
C LEU B 269 22.00 26.82 -10.36
N VAL B 270 20.90 26.14 -10.69
CA VAL B 270 19.82 26.71 -11.48
C VAL B 270 18.53 26.74 -10.65
N PRO B 271 18.06 27.89 -10.20
CA PRO B 271 16.75 27.94 -9.52
C PRO B 271 15.65 27.45 -10.44
N SER B 272 14.79 26.57 -9.92
CA SER B 272 13.80 25.90 -10.74
C SER B 272 12.55 25.60 -9.94
N GLU B 273 11.42 25.47 -10.64
CA GLU B 273 10.16 25.11 -10.00
C GLU B 273 10.17 23.66 -9.53
N VAL B 274 10.71 22.76 -10.34
CA VAL B 274 10.65 21.33 -10.06
C VAL B 274 12.05 20.85 -9.71
N THR B 275 12.22 20.38 -8.49
CA THR B 275 13.45 19.74 -8.04
C THR B 275 13.07 18.41 -7.43
N ARG B 276 14.03 17.48 -7.44
CA ARG B 276 13.81 16.19 -6.79
C ARG B 276 13.58 16.37 -5.30
N GLU B 277 12.66 15.59 -4.75
CA GLU B 277 12.18 15.80 -3.39
C GLU B 277 13.05 15.03 -2.40
N THR B 278 13.39 15.68 -1.30
CA THR B 278 14.12 15.05 -0.21
C THR B 278 13.40 15.37 1.10
N TYR B 279 13.64 14.54 2.11
CA TYR B 279 12.91 14.62 3.37
C TYR B 279 13.87 14.68 4.54
N ARG B 280 13.63 15.63 5.43
CA ARG B 280 14.28 15.68 6.73
C ARG B 280 13.51 14.80 7.70
N PHE B 281 14.23 14.03 8.53
CA PHE B 281 13.61 13.20 9.55
C PHE B 281 13.81 13.79 10.94
N ASP B 282 12.76 13.69 11.76
CA ASP B 282 12.90 13.86 13.20
C ASP B 282 13.62 12.65 13.78
N PRO B 283 14.82 12.80 14.35
CA PRO B 283 15.59 11.63 14.81
C PRO B 283 15.24 11.13 16.21
N THR B 284 14.21 11.70 16.86
CA THR B 284 13.96 11.38 18.26
C THR B 284 13.79 9.87 18.47
N ARG B 285 12.91 9.26 17.69
CA ARG B 285 12.62 7.84 17.90
C ARG B 285 13.82 6.96 17.55
N ARG B 286 14.49 7.24 16.43
CA ARG B 286 15.66 6.44 16.08
C ARG B 286 16.74 6.55 17.15
N ARG B 287 16.94 7.74 17.70
CA ARG B 287 17.96 7.92 18.73
C ARG B 287 17.66 7.07 19.96
N GLU B 288 16.38 6.92 20.33
CA GLU B 288 16.03 6.05 21.44
C GLU B 288 16.46 4.62 21.19
N ILE B 289 16.48 4.19 19.93
CA ILE B 289 16.84 2.82 19.60
C ILE B 289 18.35 2.67 19.44
N THR B 290 19.01 3.62 18.78
CA THR B 290 20.40 3.43 18.36
C THR B 290 21.41 4.23 19.19
N GLY B 291 20.98 5.26 19.89
CA GLY B 291 21.90 6.23 20.44
C GLY B 291 22.36 7.17 19.35
N PRO B 292 23.25 8.10 19.68
CA PRO B 292 23.61 9.14 18.72
C PRO B 292 24.47 8.61 17.58
N CYS B 293 24.38 9.28 16.44
CA CYS B 293 25.30 9.01 15.35
C CYS B 293 26.68 9.59 15.67
N ARG B 294 27.71 9.02 15.04
CA ARG B 294 29.08 9.42 15.31
C ARG B 294 29.75 10.16 14.16
N VAL B 295 29.16 10.18 12.97
CA VAL B 295 29.77 10.84 11.82
C VAL B 295 28.97 12.10 11.49
N PRO B 296 29.47 13.30 11.81
CA PRO B 296 28.81 14.51 11.34
C PRO B 296 28.95 14.66 9.83
N TRP B 297 27.98 15.33 9.21
CA TRP B 297 27.85 15.25 7.76
C TRP B 297 29.00 15.95 7.02
N ARG B 298 29.53 17.04 7.57
CA ARG B 298 30.63 17.67 6.86
C ARG B 298 31.87 16.76 6.89
N GLU B 299 32.01 15.95 7.96
CA GLU B 299 33.11 14.99 8.05
C GLU B 299 32.90 13.86 7.09
N GLY B 300 31.70 13.30 7.11
CA GLY B 300 31.39 12.21 6.20
C GLY B 300 31.58 12.60 4.75
N VAL B 301 31.06 13.77 4.38
CA VAL B 301 31.14 14.16 2.96
C VAL B 301 32.58 14.37 2.57
N ARG B 302 33.35 15.06 3.41
CA ARG B 302 34.76 15.25 3.13
C ARG B 302 35.50 13.92 3.06
N ARG B 303 35.26 13.03 4.02
CA ARG B 303 35.90 11.72 4.01
C ARG B 303 35.45 10.89 2.82
N THR B 304 34.18 11.05 2.41
CA THR B 304 33.67 10.35 1.24
C THR B 304 34.36 10.85 -0.04
N LEU B 305 34.49 12.17 -0.18
CA LEU B 305 35.28 12.73 -1.26
C LEU B 305 36.70 12.16 -1.27
N GLN B 306 37.33 12.15 -0.10
CA GLN B 306 38.69 11.64 0.03
C GLN B 306 38.80 10.21 -0.46
N ALA B 307 37.76 9.39 -0.20
CA ALA B 307 37.81 7.99 -0.61
C ALA B 307 37.61 7.85 -2.11
N LEU B 308 36.70 8.61 -2.68
CA LEU B 308 36.28 8.40 -4.06
C LEU B 308 36.90 9.37 -5.05
N HIS B 309 37.35 10.54 -4.58
CA HIS B 309 37.91 11.57 -5.47
C HIS B 309 39.11 12.23 -4.80
N PRO B 310 40.10 11.43 -4.41
CA PRO B 310 41.24 12.00 -3.66
C PRO B 310 41.92 13.13 -4.40
N GLU B 311 41.96 13.07 -5.73
CA GLU B 311 42.69 14.07 -6.50
C GLU B 311 42.04 15.45 -6.40
N HIS B 312 40.78 15.53 -5.97
CA HIS B 312 40.09 16.80 -5.85
C HIS B 312 40.16 17.42 -4.46
N LEU B 313 40.90 16.82 -3.52
CA LEU B 313 41.17 17.46 -2.24
C LEU B 313 42.65 17.85 -2.14
N PRO B 314 42.99 18.94 -1.43
CA PRO B 314 44.39 19.39 -1.36
C PRO B 314 45.32 18.31 -0.81
PA NDP C . -19.79 0.48 5.23
O1A NDP C . -19.28 1.72 5.83
O2A NDP C . -21.21 0.41 4.73
O5B NDP C . -19.63 -0.68 6.25
C5B NDP C . -18.32 -0.88 6.84
C4B NDP C . -18.26 -2.31 7.30
O4B NDP C . -16.98 -2.55 7.92
C3B NDP C . -19.33 -2.68 8.34
O3B NDP C . -19.96 -3.91 8.01
C2B NDP C . -18.54 -2.86 9.63
O2B NDP C . -19.04 -3.92 10.46
C1B NDP C . -17.17 -3.26 9.12
N9A NDP C . -16.12 -2.88 10.05
C8A NDP C . -15.62 -1.64 10.29
N7A NDP C . -14.74 -1.58 11.26
C5A NDP C . -14.66 -2.90 11.70
C6A NDP C . -13.92 -3.51 12.72
N6A NDP C . -13.06 -2.85 13.51
N1A NDP C . -14.07 -4.83 12.90
C2A NDP C . -14.92 -5.50 12.10
N3A NDP C . -15.66 -5.02 11.10
C4A NDP C . -15.49 -3.71 10.95
O3 NDP C . -18.85 0.00 4.04
PN NDP C . -19.18 -0.46 2.56
O1N NDP C . -20.13 -1.61 2.54
O2N NDP C . -19.54 0.78 1.77
O5D NDP C . -17.76 -0.93 2.02
C5D NDP C . -17.37 -2.31 1.94
C4D NDP C . -16.07 -2.39 1.19
O4D NDP C . -16.22 -1.79 -0.12
C3D NDP C . -14.88 -1.69 1.86
O3D NDP C . -13.71 -2.48 1.69
C2D NDP C . -14.78 -0.37 1.09
O2D NDP C . -13.45 0.11 1.07
C1D NDP C . -15.21 -0.81 -0.31
N1N NDP C . -15.77 0.25 -1.14
C2N NDP C . -17.13 0.64 -1.04
C3N NDP C . -17.67 1.61 -1.80
C7N NDP C . -19.10 1.92 -1.71
O7N NDP C . -19.80 1.44 -0.80
N7N NDP C . -19.60 2.74 -2.62
C4N NDP C . -16.84 2.35 -2.76
C5N NDP C . -15.43 1.85 -2.84
C6N NDP C . -14.99 0.88 -2.07
P2B NDP C . -19.86 -3.73 11.81
O1X NDP C . -20.18 -5.10 12.32
O2X NDP C . -18.97 -2.90 12.71
O3X NDP C . -21.10 -2.91 11.45
HOA2 NDP C . -21.97 0.94 5.08
H51A NDP C . -17.64 -0.66 6.03
H52A NDP C . -18.10 -0.14 7.62
H4B NDP C . -18.26 -3.01 6.47
H3B NDP C . -20.09 -1.91 8.37
HO3A NDP C . -20.29 -3.82 7.08
H2B NDP C . -18.54 -1.93 10.20
H1B NDP C . -17.10 -4.33 8.92
H8A NDP C . -15.92 -0.76 9.71
H61A NDP C . -12.90 -1.86 13.40
H62A NDP C . -12.56 -3.35 14.24
H2A NDP C . -14.99 -6.57 12.29
H21N NDP C . -20.33 1.37 1.92
H51N NDP C . -17.27 -2.70 2.95
H52N NDP C . -18.18 -2.85 1.44
H4D NDP C . -15.82 -3.43 0.99
H3D NDP C . -15.08 -1.50 2.91
HO3N NDP C . -13.68 -3.07 2.49
H2D NDP C . -15.45 0.39 1.50
HO2N NDP C . -13.31 0.60 1.93
H1D NDP C . -14.38 -1.27 -0.85
H2N NDP C . -17.71 0.09 -0.30
H71N NDP C . -20.58 2.99 -2.60
H72N NDP C . -19.06 3.17 -3.37
H41N NDP C . -16.82 3.41 -2.52
H42N NDP C . -17.27 2.31 -3.76
H5N NDP C . -14.79 2.33 -3.57
H6N NDP C . -13.95 0.54 -2.15
HOP2 NDP C . -19.38 -2.44 13.48
HOP3 NDP C . -21.76 -2.55 12.10
S SCN D . 1.17 -19.32 8.31
C SCN D . 2.02 -19.68 6.77
N SCN D . 2.56 -19.95 5.75
CL CL E . -29.60 -6.97 17.47
CL CL F . -9.37 5.70 7.60
PA NDP G . 20.70 -0.56 -4.83
O1A NDP G . 20.08 -0.07 -6.06
O2A NDP G . 22.13 -0.14 -4.49
O5B NDP G . 20.68 -2.14 -4.73
C5B NDP G . 19.44 -2.82 -5.02
C4B NDP G . 19.59 -4.24 -4.57
O4B NDP G . 18.37 -4.96 -4.88
C3B NDP G . 20.74 -5.01 -5.24
O3B NDP G . 21.56 -5.64 -4.27
C2B NDP G . 20.04 -6.07 -6.10
O2B NDP G . 20.72 -7.34 -6.10
C1B NDP G . 18.70 -6.24 -5.41
N9A NDP G . 17.64 -6.65 -6.31
C8A NDP G . 16.99 -5.88 -7.23
N7A NDP G . 16.14 -6.54 -7.99
C5A NDP G . 16.25 -7.84 -7.52
C6A NDP G . 15.65 -9.04 -7.94
N6A NDP G . 14.77 -9.13 -8.93
N1A NDP G . 16.00 -10.18 -7.29
C2A NDP G . 16.89 -10.10 -6.29
N3A NDP G . 17.52 -9.03 -5.81
C4A NDP G . 17.16 -7.92 -6.48
O3 NDP G . 19.81 -0.15 -3.58
PN NDP G . 20.18 0.45 -2.16
O1N NDP G . 21.27 -0.33 -1.52
O2N NDP G . 20.44 1.94 -2.34
O5D NDP G . 18.80 0.31 -1.34
C5D NDP G . 18.54 -0.81 -0.48
C4D NDP G . 17.21 -0.60 0.22
O4D NDP G . 17.22 0.69 0.88
C3D NDP G . 15.98 -0.60 -0.69
O3D NDP G . 14.87 -1.19 -0.03
C2D NDP G . 15.77 0.89 -0.95
O2D NDP G . 14.42 1.21 -1.29
C1D NDP G . 16.13 1.46 0.42
N1N NDP G . 16.53 2.87 0.42
C2N NDP G . 17.83 3.28 -0.01
C3N NDP G . 18.21 4.57 -0.02
C7N NDP G . 19.59 4.95 -0.34
O7N NDP G . 20.38 4.12 -0.83
N7N NDP G . 19.96 6.19 -0.07
C4N NDP G . 17.24 5.63 0.36
C5N NDP G . 15.97 5.09 0.91
C6N NDP G . 15.67 3.81 0.89
P2B NDP G . 21.60 -7.91 -7.35
O1X NDP G . 22.06 -9.29 -7.04
O2X NDP G . 20.71 -7.82 -8.59
O3X NDP G . 22.76 -6.91 -7.53
HOA2 NDP G . 22.79 0.20 -5.15
H51A NDP G . 19.33 -2.72 -6.10
H52A NDP G . 18.57 -2.30 -4.61
H4B NDP G . 19.64 -4.34 -3.48
H3B NDP G . 21.36 -4.31 -5.81
HO3A NDP G . 21.87 -4.92 -3.65
H2B NDP G . 19.94 -5.72 -7.13
H1B NDP G . 18.75 -6.95 -4.57
H8A NDP G . 17.15 -4.81 -7.33
H61A NDP G . 14.49 -8.30 -9.45
H62A NDP G . 14.37 -10.03 -9.18
H2A NDP G . 17.13 -11.05 -5.81
H21N NDP G . 21.18 2.36 -2.86
H51N NDP G . 19.34 -0.91 0.25
H52N NDP G . 18.54 -1.70 -1.11
H4D NDP G . 17.09 -1.32 1.03
H3D NDP G . 16.19 -1.11 -1.62
HO3N NDP G . 15.13 -2.13 0.14
H2D NDP G . 16.42 1.26 -1.74
HO2N NDP G . 13.99 0.36 -1.57
H1D NDP G . 15.30 1.33 1.12
H2N NDP G . 18.48 2.47 -0.34
H71N NDP G . 19.33 6.87 0.34
H72N NDP G . 20.90 6.54 -0.24
H41N NDP G . 17.03 6.29 -0.47
H42N NDP G . 17.67 6.28 1.12
H5N NDP G . 15.28 5.82 1.32
H6N NDP G . 14.71 3.47 1.25
HOP2 NDP G . 21.04 -8.23 -9.43
HOP3 NDP G . 23.72 -7.15 -7.56
S SCN H . 11.71 -2.74 -14.45
C SCN H . 12.68 -2.73 -12.93
N SCN H . 13.28 -2.67 -11.91
S SCN I . 32.26 18.04 10.89
C SCN I . 33.90 18.34 10.20
N SCN I . 34.98 18.52 9.77
#